data_3PDQ
#
_entry.id   3PDQ
#
_cell.length_a   100.770
_cell.length_b   149.440
_cell.length_c   57.300
_cell.angle_alpha   90.000
_cell.angle_beta   90.000
_cell.angle_gamma   90.000
#
_symmetry.space_group_name_H-M   'P 21 21 2'
#
loop_
_entity.id
_entity.type
_entity.pdbx_description
1 polymer 'Lysine-specific demethylase 4A'
2 non-polymer 'NICKEL (II) ION'
3 non-polymer 'ZINC ION'
4 non-polymer "4'-[(2-aminoethyl)carbamoyl]-2,2'-bipyridine-4-carboxylic acid"
5 non-polymer 'CHLORIDE ION'
6 non-polymer 'SODIUM ION'
7 water water
#
_entity_poly.entity_id   1
_entity_poly.type   'polypeptide(L)'
_entity_poly.pdbx_seq_one_letter_code
;MHHHHHHSSGVDLGTENLYFQSMASESETLNPSARIMTFYPTMEEFRNFSRYIAYIESQGAHRAGLAKVVPPKEWKPRAS
YDDIDDLVIPAPIQQLVTGQSGLFTQYNIQKKAMTVREFRKIANSDKYCTPRYSEFEELERKYWKNLTFNPPIYGADVNG
TLYEKHVDEWNIGRLRTILDLVEKESGITIEGVNTPYLYFGMWKTSFAWHTEDMDLYSINYLHFGEPKSWYSVPPEHGKR
LERLAKGFFPGSAQSCEAFLRHKMTLISPLMLKKYGIPFDKVTQEAGEFMITFPYGYHAGFNHGFNCAESTNFATRRWIE
YGKQAVLCSCRKDMVKISMDVFVRKFQPERYKLWKAGKDNTVIDHTLPTPEAAEFLKESEL
;
_entity_poly.pdbx_strand_id   A,B
#
# COMPACT_ATOMS: atom_id res chain seq x y z
N SER A 25 -15.28 -4.58 -16.15
CA SER A 25 -15.32 -3.12 -16.18
C SER A 25 -16.51 -2.60 -15.37
N GLU A 26 -17.71 -3.07 -15.71
CA GLU A 26 -18.94 -2.61 -15.07
C GLU A 26 -18.82 -2.56 -13.54
N SER A 27 -18.39 -3.66 -12.95
CA SER A 27 -18.24 -3.75 -11.49
C SER A 27 -17.07 -2.91 -11.01
N GLU A 28 -15.99 -2.92 -11.79
CA GLU A 28 -14.79 -2.15 -11.45
C GLU A 28 -15.04 -0.65 -11.63
N THR A 29 -16.24 -0.29 -12.08
CA THR A 29 -16.61 1.09 -12.33
C THR A 29 -17.37 1.68 -11.14
N LEU A 30 -17.89 0.81 -10.27
CA LEU A 30 -18.63 1.25 -9.08
C LEU A 30 -17.74 1.28 -7.84
N ASN A 31 -17.83 2.39 -7.11
CA ASN A 31 -16.91 2.68 -6.01
C ASN A 31 -15.46 2.44 -6.39
N PRO A 32 -14.99 3.10 -7.47
CA PRO A 32 -13.62 2.92 -7.98
C PRO A 32 -12.57 3.34 -6.97
N SER A 33 -12.90 4.24 -6.05
CA SER A 33 -11.94 4.67 -5.01
C SER A 33 -11.95 3.68 -3.86
N ALA A 34 -12.92 2.76 -3.89
CA ALA A 34 -13.07 1.76 -2.83
C ALA A 34 -13.15 2.38 -1.44
N ARG A 35 -13.87 3.50 -1.30
CA ARG A 35 -14.03 4.12 0.00
CA ARG A 35 -14.04 4.13 0.00
C ARG A 35 -15.19 3.49 0.77
N ILE A 36 -15.16 3.64 2.09
CA ILE A 36 -16.23 3.15 2.94
C ILE A 36 -17.54 3.90 2.68
N MET A 37 -18.58 3.15 2.33
CA MET A 37 -19.87 3.74 2.02
C MET A 37 -20.78 3.59 3.20
N THR A 38 -21.73 4.50 3.32
CA THR A 38 -22.68 4.52 4.42
C THR A 38 -24.08 4.52 3.82
N PHE A 39 -24.95 3.63 4.31
CA PHE A 39 -26.29 3.46 3.76
C PHE A 39 -27.38 3.77 4.79
N TYR A 40 -28.49 4.31 4.31
CA TYR A 40 -29.67 4.65 5.13
C TYR A 40 -30.93 4.01 4.57
N PRO A 41 -31.07 2.70 4.74
CA PRO A 41 -32.23 2.03 4.16
C PRO A 41 -33.53 2.44 4.81
N THR A 42 -34.60 2.44 4.02
CA THR A 42 -35.94 2.54 4.56
C THR A 42 -36.29 1.25 5.29
N MET A 43 -37.35 1.30 6.09
CA MET A 43 -37.79 0.14 6.83
C MET A 43 -38.12 -0.99 5.87
N GLU A 44 -38.62 -0.63 4.69
CA GLU A 44 -38.98 -1.62 3.68
CA GLU A 44 -38.98 -1.61 3.67
C GLU A 44 -37.74 -2.32 3.13
N GLU A 45 -36.71 -1.54 2.81
CA GLU A 45 -35.46 -2.10 2.29
C GLU A 45 -34.80 -2.94 3.38
N PHE A 46 -34.84 -2.42 4.59
CA PHE A 46 -34.21 -3.03 5.74
C PHE A 46 -34.67 -4.46 6.02
N ARG A 47 -35.91 -4.79 5.69
CA ARG A 47 -36.48 -6.07 6.11
C ARG A 47 -35.79 -7.32 5.58
N ASN A 48 -35.42 -7.32 4.30
CA ASN A 48 -34.75 -8.49 3.73
C ASN A 48 -33.23 -8.35 3.80
N PHE A 49 -32.63 -9.03 4.78
CA PHE A 49 -31.21 -8.85 5.06
C PHE A 49 -30.32 -9.18 3.90
N SER A 50 -30.41 -10.43 3.41
CA SER A 50 -29.55 -10.89 2.34
C SER A 50 -29.77 -10.01 1.11
N ARG A 51 -31.00 -9.62 0.88
CA ARG A 51 -31.31 -8.75 -0.26
C ARG A 51 -30.62 -7.39 -0.15
N TYR A 52 -30.65 -6.79 1.03
CA TYR A 52 -29.96 -5.52 1.19
C TYR A 52 -28.43 -5.65 1.06
N ILE A 53 -27.87 -6.75 1.56
CA ILE A 53 -26.43 -6.97 1.36
C ILE A 53 -26.14 -7.04 -0.13
N ALA A 54 -26.98 -7.76 -0.89
CA ALA A 54 -26.80 -7.82 -2.34
C ALA A 54 -26.92 -6.42 -2.95
N TYR A 55 -27.90 -5.64 -2.49
CA TYR A 55 -27.99 -4.25 -2.93
C TYR A 55 -26.72 -3.45 -2.65
N ILE A 56 -26.23 -3.44 -1.41
CA ILE A 56 -25.07 -2.59 -1.15
C ILE A 56 -23.87 -3.01 -2.00
N GLU A 57 -23.76 -4.30 -2.31
CA GLU A 57 -22.71 -4.76 -3.22
C GLU A 57 -22.96 -4.26 -4.66
N SER A 58 -24.23 -4.17 -5.08
CA SER A 58 -24.48 -3.63 -6.40
C SER A 58 -24.00 -2.17 -6.48
N GLN A 59 -23.87 -1.50 -5.33
CA GLN A 59 -23.35 -0.15 -5.29
C GLN A 59 -21.83 -0.06 -5.05
N GLY A 60 -21.14 -1.20 -4.98
CA GLY A 60 -19.69 -1.23 -4.86
C GLY A 60 -19.15 -1.22 -3.42
N ALA A 61 -20.06 -1.33 -2.45
CA ALA A 61 -19.71 -1.19 -1.04
C ALA A 61 -18.60 -2.17 -0.62
N HIS A 62 -18.62 -3.38 -1.15
CA HIS A 62 -17.67 -4.41 -0.72
C HIS A 62 -16.24 -4.05 -1.08
N ARG A 63 -16.06 -3.21 -2.10
CA ARG A 63 -14.71 -2.88 -2.52
C ARG A 63 -13.89 -2.26 -1.38
N ALA A 64 -14.57 -1.61 -0.44
CA ALA A 64 -13.86 -1.01 0.71
C ALA A 64 -13.47 -2.03 1.80
N GLY A 65 -14.16 -3.19 1.80
CA GLY A 65 -13.96 -4.20 2.83
C GLY A 65 -14.89 -4.00 4.02
N LEU A 66 -15.53 -2.83 4.09
CA LEU A 66 -16.30 -2.41 5.25
C LEU A 66 -17.33 -1.40 4.80
N ALA A 67 -18.53 -1.44 5.40
CA ALA A 67 -19.58 -0.47 5.08
C ALA A 67 -20.40 -0.24 6.33
N LYS A 68 -20.99 0.94 6.44
CA LYS A 68 -21.86 1.25 7.56
C LYS A 68 -23.30 1.23 7.09
N VAL A 69 -24.17 0.63 7.88
CA VAL A 69 -25.60 0.71 7.61
C VAL A 69 -26.32 1.30 8.80
N VAL A 70 -27.01 2.42 8.57
CA VAL A 70 -27.78 3.08 9.61
C VAL A 70 -29.22 2.66 9.47
N PRO A 71 -29.75 1.98 10.50
CA PRO A 71 -31.09 1.43 10.39
C PRO A 71 -32.13 2.53 10.46
N PRO A 72 -33.30 2.30 9.86
CA PRO A 72 -34.43 3.24 9.90
C PRO A 72 -34.67 3.74 11.32
N LYS A 73 -35.03 5.01 11.46
CA LYS A 73 -35.18 5.62 12.78
C LYS A 73 -36.12 4.85 13.72
N GLU A 74 -37.14 4.21 13.17
CA GLU A 74 -38.14 3.55 14.00
C GLU A 74 -37.81 2.09 14.26
N TRP A 75 -36.55 1.72 14.07
CA TRP A 75 -36.15 0.36 14.36
C TRP A 75 -35.36 0.28 15.65
N LYS A 76 -35.71 -0.70 16.48
CA LYS A 76 -34.96 -0.98 17.69
C LYS A 76 -35.00 -2.48 17.95
N PRO A 77 -33.83 -3.07 18.29
CA PRO A 77 -33.69 -4.51 18.55
C PRO A 77 -34.01 -4.88 20.00
N ARG A 78 -34.16 -3.86 20.83
CA ARG A 78 -34.41 -4.07 22.25
C ARG A 78 -35.07 -2.82 22.81
N ALA A 79 -36.03 -3.01 23.71
CA ALA A 79 -36.68 -1.88 24.34
C ALA A 79 -35.76 -1.18 25.33
N SER A 80 -35.06 -1.96 26.16
CA SER A 80 -34.24 -1.38 27.23
C SER A 80 -33.03 -2.22 27.63
N TYR A 81 -31.92 -1.54 27.89
CA TYR A 81 -30.73 -2.21 28.37
C TYR A 81 -30.53 -1.98 29.86
N ASP A 82 -31.63 -1.87 30.60
CA ASP A 82 -31.55 -1.59 32.03
C ASP A 82 -31.36 -2.88 32.84
N ASP A 83 -31.72 -4.00 32.22
CA ASP A 83 -31.87 -5.27 32.93
C ASP A 83 -30.68 -6.20 32.77
N ILE A 84 -29.50 -5.66 32.48
CA ILE A 84 -28.39 -6.55 32.14
C ILE A 84 -27.16 -6.44 33.04
N ASP A 85 -27.25 -5.66 34.11
CA ASP A 85 -26.07 -5.50 34.96
C ASP A 85 -25.63 -6.83 35.55
N ASP A 86 -26.54 -7.79 35.61
CA ASP A 86 -26.22 -9.08 36.21
C ASP A 86 -25.68 -10.08 35.20
N LEU A 87 -25.71 -9.72 33.91
CA LEU A 87 -25.16 -10.57 32.87
C LEU A 87 -23.69 -10.86 33.14
N VAL A 88 -23.29 -12.13 33.04
CA VAL A 88 -21.93 -12.54 33.33
C VAL A 88 -21.01 -12.49 32.10
N ILE A 89 -19.82 -11.92 32.31
CA ILE A 89 -18.72 -11.94 31.33
C ILE A 89 -17.72 -12.93 31.92
N PRO A 90 -17.73 -14.16 31.40
CA PRO A 90 -16.98 -15.26 32.01
C PRO A 90 -15.46 -15.15 31.85
N ALA A 91 -15.00 -14.47 30.80
CA ALA A 91 -13.58 -14.46 30.47
C ALA A 91 -13.12 -13.08 30.01
N PRO A 92 -13.12 -12.11 30.91
CA PRO A 92 -12.62 -10.78 30.57
C PRO A 92 -11.14 -10.87 30.22
N ILE A 93 -10.69 -10.07 29.26
CA ILE A 93 -9.32 -10.14 28.78
C ILE A 93 -8.60 -8.84 29.07
N GLN A 94 -7.45 -8.91 29.73
CA GLN A 94 -6.63 -7.72 29.90
C GLN A 94 -5.69 -7.68 28.72
N GLN A 95 -5.66 -6.55 28.03
CA GLN A 95 -4.90 -6.45 26.79
C GLN A 95 -3.56 -5.77 26.98
N LEU A 96 -2.50 -6.56 27.06
CA LEU A 96 -1.16 -5.99 27.15
C LEU A 96 -0.64 -5.81 25.74
N VAL A 97 -0.08 -4.63 25.46
CA VAL A 97 0.41 -4.34 24.13
C VAL A 97 1.86 -3.96 24.23
N THR A 98 2.68 -4.50 23.33
CA THR A 98 4.11 -4.23 23.29
C THR A 98 4.50 -3.83 21.89
N GLY A 99 5.36 -2.83 21.79
CA GLY A 99 5.79 -2.38 20.48
C GLY A 99 6.15 -0.92 20.47
N GLN A 100 6.41 -0.40 19.27
CA GLN A 100 6.90 0.98 19.10
C GLN A 100 6.86 1.31 17.60
N SER A 101 6.91 2.59 17.26
CA SER A 101 7.00 3.01 15.87
C SER A 101 5.85 2.49 15.01
N GLY A 102 4.66 2.41 15.58
CA GLY A 102 3.48 2.03 14.82
C GLY A 102 3.22 0.54 14.65
N LEU A 103 4.09 -0.29 15.22
CA LEU A 103 3.95 -1.75 15.13
C LEU A 103 3.88 -2.36 16.53
N PHE A 104 2.81 -3.10 16.80
CA PHE A 104 2.60 -3.65 18.13
C PHE A 104 2.09 -5.07 18.06
N THR A 105 2.35 -5.81 19.14
CA THR A 105 1.74 -7.12 19.35
C THR A 105 0.98 -7.11 20.67
N GLN A 106 -0.27 -7.59 20.62
CA GLN A 106 -1.14 -7.61 21.79
C GLN A 106 -1.20 -8.98 22.43
N TYR A 107 -1.04 -9.04 23.76
CA TYR A 107 -1.10 -10.31 24.45
C TYR A 107 -2.28 -10.29 25.39
N ASN A 108 -3.04 -11.38 25.37
CA ASN A 108 -4.24 -11.45 26.19
C ASN A 108 -3.93 -12.07 27.55
N ILE A 109 -4.45 -11.46 28.59
CA ILE A 109 -4.36 -12.05 29.92
C ILE A 109 -5.76 -12.20 30.44
N GLN A 110 -6.24 -13.44 30.53
CA GLN A 110 -7.61 -13.65 30.98
C GLN A 110 -7.75 -13.37 32.46
N LYS A 111 -8.78 -12.62 32.80
CA LYS A 111 -9.09 -12.31 34.20
C LYS A 111 -10.31 -13.11 34.63
N LYS A 112 -10.58 -13.10 35.93
CA LYS A 112 -11.71 -13.81 36.51
C LYS A 112 -13.04 -13.27 35.98
N ALA A 113 -14.04 -14.13 35.94
CA ALA A 113 -15.37 -13.73 35.49
C ALA A 113 -15.87 -12.53 36.27
N MET A 114 -16.69 -11.70 35.64
CA MET A 114 -17.25 -10.54 36.32
CA MET A 114 -17.27 -10.54 36.32
C MET A 114 -18.55 -10.14 35.62
N THR A 115 -19.42 -9.46 36.34
CA THR A 115 -20.72 -9.03 35.82
C THR A 115 -20.54 -7.77 35.03
N VAL A 116 -21.53 -7.46 34.21
CA VAL A 116 -21.53 -6.23 33.44
C VAL A 116 -21.45 -5.02 34.35
N ARG A 117 -22.19 -5.06 35.46
CA ARG A 117 -22.11 -3.99 36.43
C ARG A 117 -20.67 -3.79 36.86
N GLU A 118 -19.99 -4.89 37.18
CA GLU A 118 -18.62 -4.79 37.68
C GLU A 118 -17.68 -4.25 36.59
N PHE A 119 -17.96 -4.65 35.35
CA PHE A 119 -17.19 -4.18 34.20
C PHE A 119 -17.36 -2.68 33.98
N ARG A 120 -18.63 -2.24 33.95
CA ARG A 120 -18.90 -0.83 33.71
C ARG A 120 -18.28 0.04 34.81
N LYS A 121 -18.31 -0.42 36.05
CA LYS A 121 -17.71 0.33 37.16
C LYS A 121 -16.24 0.59 36.83
N ILE A 122 -15.53 -0.46 36.43
CA ILE A 122 -14.13 -0.32 36.04
C ILE A 122 -13.97 0.57 34.79
N ALA A 123 -14.75 0.31 33.74
CA ALA A 123 -14.62 1.08 32.50
C ALA A 123 -14.70 2.59 32.74
N ASN A 124 -15.55 2.97 33.67
CA ASN A 124 -15.83 4.37 33.94
C ASN A 124 -14.98 4.99 35.02
N SER A 125 -14.28 4.16 35.81
CA SER A 125 -13.43 4.70 36.85
C SER A 125 -12.43 5.65 36.21
N ASP A 126 -11.91 6.58 37.00
CA ASP A 126 -10.91 7.52 36.53
C ASP A 126 -9.74 6.81 35.89
N LYS A 127 -9.48 5.58 36.36
CA LYS A 127 -8.30 4.86 35.95
C LYS A 127 -8.41 4.44 34.48
N TYR A 128 -9.59 4.03 34.05
CA TYR A 128 -9.77 3.48 32.72
C TYR A 128 -10.61 4.33 31.77
N CYS A 129 -11.12 5.46 32.25
CA CYS A 129 -12.14 6.19 31.49
C CYS A 129 -11.54 6.94 30.31
N THR A 130 -12.38 7.28 29.33
CA THR A 130 -11.95 8.00 28.14
C THR A 130 -11.31 9.33 28.51
N PRO A 131 -10.17 9.65 27.89
CA PRO A 131 -9.59 10.97 28.16
C PRO A 131 -10.35 12.09 27.43
N ARG A 132 -10.16 13.32 27.89
CA ARG A 132 -10.81 14.47 27.28
C ARG A 132 -10.20 14.76 25.92
N TYR A 133 -11.00 15.37 25.03
CA TYR A 133 -10.55 15.67 23.69
C TYR A 133 -11.67 16.37 22.92
N SER A 134 -11.30 17.14 21.90
CA SER A 134 -12.29 17.83 21.07
C SER A 134 -12.69 17.04 19.83
N GLU A 135 -11.76 16.93 18.88
CA GLU A 135 -12.03 16.22 17.64
C GLU A 135 -11.51 14.77 17.66
N PHE A 136 -12.17 13.91 16.89
CA PHE A 136 -11.75 12.52 16.76
C PHE A 136 -10.24 12.38 16.49
N GLU A 137 -9.72 13.21 15.59
CA GLU A 137 -8.31 13.10 15.23
C GLU A 137 -7.44 13.12 16.49
N GLU A 138 -7.89 13.83 17.51
CA GLU A 138 -7.15 13.95 18.76
C GLU A 138 -7.25 12.68 19.63
N LEU A 139 -8.43 12.08 19.68
CA LEU A 139 -8.61 10.84 20.44
C LEU A 139 -7.80 9.75 19.76
N GLU A 140 -7.81 9.76 18.43
CA GLU A 140 -7.07 8.79 17.65
C GLU A 140 -5.57 8.86 17.93
N ARG A 141 -5.03 10.08 17.96
CA ARG A 141 -3.63 10.28 18.29
C ARG A 141 -3.30 9.80 19.71
N LYS A 142 -4.18 10.07 20.66
CA LYS A 142 -3.99 9.59 22.02
C LYS A 142 -4.01 8.06 22.07
N TYR A 143 -4.87 7.45 21.26
CA TYR A 143 -4.94 5.99 21.24
C TYR A 143 -3.58 5.42 20.83
N TRP A 144 -3.04 5.88 19.69
CA TRP A 144 -1.80 5.33 19.18
C TRP A 144 -0.60 5.71 20.05
N LYS A 145 -0.75 6.78 20.82
CA LYS A 145 0.31 7.23 21.71
C LYS A 145 0.35 6.42 23.02
N ASN A 146 -0.82 6.02 23.51
CA ASN A 146 -0.94 5.41 24.83
C ASN A 146 -1.29 3.92 24.84
N LEU A 147 -1.36 3.35 23.64
CA LEU A 147 -1.72 1.96 23.41
C LEU A 147 -0.98 0.96 24.33
N THR A 148 0.30 1.20 24.60
CA THR A 148 1.06 0.24 25.38
C THR A 148 0.99 0.48 26.88
N PHE A 149 0.30 1.53 27.31
CA PHE A 149 0.24 1.86 28.73
C PHE A 149 -1.11 1.51 29.34
N ASN A 150 -1.15 1.34 30.65
CA ASN A 150 -2.43 1.15 31.35
CA ASN A 150 -2.41 1.14 31.37
C ASN A 150 -3.33 0.12 30.70
N PRO A 151 -2.88 -1.13 30.64
CA PRO A 151 -3.61 -2.14 29.86
C PRO A 151 -5.07 -2.25 30.29
N PRO A 152 -5.99 -2.08 29.34
CA PRO A 152 -7.42 -2.14 29.66
C PRO A 152 -7.94 -3.57 29.66
N ILE A 153 -9.21 -3.71 30.04
CA ILE A 153 -9.84 -5.02 30.06
C ILE A 153 -10.98 -4.99 29.05
N TYR A 154 -11.07 -6.03 28.22
CA TYR A 154 -12.07 -6.10 27.16
C TYR A 154 -12.99 -7.25 27.51
N GLY A 155 -14.31 -6.97 27.62
CA GLY A 155 -15.27 -8.04 27.91
C GLY A 155 -15.67 -8.74 26.62
N ALA A 156 -14.72 -9.45 26.03
CA ALA A 156 -14.85 -9.98 24.67
C ALA A 156 -15.44 -11.39 24.60
N ASP A 157 -16.00 -11.73 23.43
CA ASP A 157 -16.38 -13.11 23.12
C ASP A 157 -17.39 -13.68 24.10
N VAL A 158 -18.36 -12.87 24.48
CA VAL A 158 -19.44 -13.32 25.37
C VAL A 158 -20.55 -13.96 24.54
N ASN A 159 -20.81 -15.25 24.78
CA ASN A 159 -21.88 -15.93 24.07
C ASN A 159 -23.24 -15.35 24.40
N GLY A 160 -23.94 -14.83 23.40
CA GLY A 160 -25.28 -14.35 23.64
C GLY A 160 -25.72 -13.22 22.73
N THR A 161 -26.99 -12.83 22.89
CA THR A 161 -27.58 -11.79 22.08
C THR A 161 -28.33 -10.83 22.98
N LEU A 162 -28.43 -9.57 22.57
CA LEU A 162 -29.26 -8.63 23.30
C LEU A 162 -30.53 -8.31 22.52
N TYR A 163 -30.73 -9.00 21.39
CA TYR A 163 -31.94 -8.84 20.58
C TYR A 163 -33.20 -9.41 21.26
N GLU A 164 -34.28 -8.63 21.25
CA GLU A 164 -35.55 -9.13 21.74
C GLU A 164 -36.02 -10.29 20.85
N LYS A 165 -36.59 -11.34 21.46
CA LYS A 165 -36.91 -12.59 20.77
C LYS A 165 -37.79 -12.42 19.53
N HIS A 166 -38.37 -11.24 19.34
CA HIS A 166 -39.34 -11.08 18.25
C HIS A 166 -38.90 -10.13 17.14
N VAL A 167 -37.70 -9.58 17.26
CA VAL A 167 -37.19 -8.70 16.22
C VAL A 167 -36.83 -9.54 14.99
N ASP A 168 -37.39 -9.18 13.84
CA ASP A 168 -37.25 -10.00 12.62
C ASP A 168 -36.30 -9.39 11.62
N GLU A 169 -35.96 -8.12 11.80
CA GLU A 169 -35.10 -7.45 10.85
C GLU A 169 -33.67 -7.47 11.40
N TRP A 170 -32.73 -7.91 10.56
CA TRP A 170 -31.31 -7.86 10.91
C TRP A 170 -31.03 -8.45 12.28
N ASN A 171 -31.67 -9.57 12.57
CA ASN A 171 -31.49 -10.23 13.86
C ASN A 171 -30.26 -11.12 13.83
N ILE A 172 -29.22 -10.67 14.53
CA ILE A 172 -27.90 -11.30 14.44
C ILE A 172 -27.93 -12.77 14.81
N GLY A 173 -28.96 -13.18 15.56
CA GLY A 173 -29.12 -14.57 15.95
C GLY A 173 -29.77 -15.42 14.88
N ARG A 174 -30.33 -14.77 13.86
CA ARG A 174 -30.99 -15.52 12.80
C ARG A 174 -31.13 -14.71 11.52
N LEU A 175 -29.99 -14.45 10.88
CA LEU A 175 -29.94 -13.70 9.63
C LEU A 175 -30.43 -14.52 8.43
N ARG A 176 -30.43 -15.84 8.56
CA ARG A 176 -30.88 -16.72 7.49
C ARG A 176 -30.10 -16.62 6.16
N THR A 177 -28.76 -16.58 6.21
CA THR A 177 -27.95 -16.65 5.00
C THR A 177 -27.49 -18.09 4.77
N ILE A 178 -26.77 -18.34 3.68
CA ILE A 178 -26.33 -19.71 3.38
C ILE A 178 -25.28 -20.26 4.36
N LEU A 179 -24.72 -19.40 5.20
CA LEU A 179 -23.86 -19.91 6.27
C LEU A 179 -24.62 -20.91 7.17
N ASP A 180 -25.95 -20.77 7.24
CA ASP A 180 -26.77 -21.72 8.01
C ASP A 180 -26.61 -23.15 7.52
N LEU A 181 -26.08 -23.32 6.31
CA LEU A 181 -25.88 -24.66 5.76
CA LEU A 181 -25.89 -24.64 5.77
C LEU A 181 -24.90 -25.48 6.59
N VAL A 182 -24.01 -24.80 7.32
CA VAL A 182 -23.01 -25.49 8.15
C VAL A 182 -23.67 -26.27 9.27
N GLU A 183 -24.42 -25.58 10.11
CA GLU A 183 -25.15 -26.25 11.20
C GLU A 183 -26.23 -27.20 10.64
N LYS A 184 -26.94 -26.75 9.61
CA LYS A 184 -28.05 -27.53 9.08
C LYS A 184 -27.60 -28.93 8.69
N GLU A 185 -26.48 -29.01 7.98
CA GLU A 185 -26.01 -30.28 7.44
C GLU A 185 -25.13 -31.12 8.39
N SER A 186 -24.44 -30.45 9.33
CA SER A 186 -23.47 -31.15 10.17
C SER A 186 -23.78 -31.06 11.66
N GLY A 187 -24.67 -30.14 12.05
CA GLY A 187 -24.95 -29.91 13.45
C GLY A 187 -23.87 -29.07 14.14
N ILE A 188 -22.82 -28.70 13.41
CA ILE A 188 -21.70 -27.99 14.01
C ILE A 188 -21.99 -26.52 14.27
N THR A 189 -21.76 -26.08 15.50
CA THR A 189 -21.77 -24.65 15.80
C THR A 189 -20.38 -24.18 16.20
N ILE A 190 -20.05 -22.98 15.75
CA ILE A 190 -18.78 -22.36 15.98
C ILE A 190 -19.07 -21.01 16.62
N GLU A 191 -18.70 -20.87 17.89
CA GLU A 191 -19.11 -19.73 18.70
C GLU A 191 -18.63 -18.42 18.08
N GLY A 192 -19.53 -17.45 17.95
CA GLY A 192 -19.19 -16.17 17.37
C GLY A 192 -19.18 -16.19 15.83
N VAL A 193 -19.14 -17.37 15.24
CA VAL A 193 -19.13 -17.47 13.77
C VAL A 193 -20.52 -17.78 13.22
N ASN A 194 -21.11 -18.90 13.62
CA ASN A 194 -22.54 -19.09 13.33
C ASN A 194 -23.40 -18.99 14.57
N THR A 195 -22.89 -18.28 15.58
CA THR A 195 -23.66 -17.89 16.76
C THR A 195 -23.17 -16.51 17.17
N PRO A 196 -23.97 -15.77 17.94
CA PRO A 196 -23.61 -14.38 18.23
C PRO A 196 -22.64 -14.23 19.40
N TYR A 197 -21.82 -13.18 19.31
CA TYR A 197 -20.92 -12.82 20.39
C TYR A 197 -21.25 -11.40 20.82
N LEU A 198 -21.10 -11.14 22.12
CA LEU A 198 -21.22 -9.80 22.66
C LEU A 198 -19.84 -9.34 23.08
N TYR A 199 -19.57 -8.04 22.89
CA TYR A 199 -18.29 -7.46 23.26
C TYR A 199 -18.53 -6.22 24.08
N PHE A 200 -18.09 -6.24 25.34
CA PHE A 200 -18.18 -5.06 26.20
C PHE A 200 -16.83 -4.37 26.23
N GLY A 201 -16.81 -3.16 25.72
CA GLY A 201 -15.59 -2.41 25.57
C GLY A 201 -15.39 -1.32 26.61
N MET A 202 -14.13 -0.94 26.81
CA MET A 202 -13.80 0.27 27.54
C MET A 202 -12.77 1.03 26.71
N TRP A 203 -12.45 2.25 27.13
CA TRP A 203 -11.47 3.07 26.40
C TRP A 203 -10.21 2.29 26.05
N LYS A 204 -9.76 2.39 24.80
CA LYS A 204 -8.45 1.87 24.43
C LYS A 204 -8.43 0.34 24.29
N THR A 205 -9.56 -0.33 24.42
CA THR A 205 -9.60 -1.75 24.05
C THR A 205 -9.55 -1.86 22.52
N SER A 206 -8.93 -2.91 22.03
CA SER A 206 -8.53 -2.99 20.62
C SER A 206 -9.00 -4.25 19.91
N PHE A 207 -9.20 -4.15 18.61
CA PHE A 207 -9.23 -5.34 17.78
C PHE A 207 -8.15 -5.25 16.70
N ALA A 208 -7.25 -6.24 16.70
CA ALA A 208 -6.12 -6.29 15.79
C ALA A 208 -6.51 -6.45 14.33
N TRP A 209 -5.55 -6.26 13.43
CA TRP A 209 -5.75 -6.49 12.01
C TRP A 209 -6.07 -7.95 11.68
N HIS A 210 -7.16 -8.16 10.96
CA HIS A 210 -7.57 -9.51 10.57
C HIS A 210 -8.67 -9.47 9.51
N THR A 211 -8.81 -10.57 8.79
CA THR A 211 -10.06 -10.86 8.10
C THR A 211 -10.81 -11.90 8.93
N GLU A 212 -12.05 -12.21 8.56
CA GLU A 212 -12.85 -13.10 9.39
C GLU A 212 -12.38 -14.53 9.18
N ASP A 213 -12.73 -15.42 10.11
CA ASP A 213 -12.48 -16.84 9.85
C ASP A 213 -13.05 -17.30 8.52
N MET A 214 -12.29 -18.13 7.81
CA MET A 214 -12.69 -18.60 6.47
C MET A 214 -12.98 -17.44 5.52
N ASP A 215 -12.49 -16.24 5.86
CA ASP A 215 -12.76 -15.05 5.06
C ASP A 215 -14.24 -14.77 4.84
N LEU A 216 -15.04 -15.00 5.87
CA LEU A 216 -16.46 -14.75 5.81
C LEU A 216 -16.79 -13.25 5.87
N TYR A 217 -18.07 -12.92 5.67
CA TYR A 217 -18.57 -11.58 6.02
C TYR A 217 -18.78 -11.52 7.52
N SER A 218 -18.80 -10.33 8.09
CA SER A 218 -19.33 -10.18 9.42
C SER A 218 -20.30 -9.01 9.52
N ILE A 219 -21.14 -9.06 10.54
CA ILE A 219 -22.05 -7.98 10.90
C ILE A 219 -21.79 -7.61 12.36
N ASN A 220 -21.82 -6.31 12.68
CA ASN A 220 -21.47 -5.81 14.01
C ASN A 220 -22.44 -4.70 14.31
N TYR A 221 -23.21 -4.87 15.38
CA TYR A 221 -24.15 -3.86 15.80
C TYR A 221 -23.74 -3.32 17.14
N LEU A 222 -23.62 -2.00 17.25
CA LEU A 222 -23.25 -1.37 18.51
C LEU A 222 -24.54 -1.06 19.28
N HIS A 223 -24.86 -1.89 20.27
CA HIS A 223 -26.11 -1.76 21.02
C HIS A 223 -26.17 -0.42 21.78
N PHE A 224 -25.08 -0.03 22.42
CA PHE A 224 -25.09 1.20 23.22
C PHE A 224 -23.69 1.61 23.66
N GLY A 225 -23.58 2.84 24.18
CA GLY A 225 -22.33 3.31 24.74
C GLY A 225 -21.52 4.17 23.79
N GLU A 226 -20.24 4.31 24.09
CA GLU A 226 -19.33 5.13 23.28
C GLU A 226 -18.99 4.46 21.96
N PRO A 227 -18.45 5.25 21.01
CA PRO A 227 -18.20 4.78 19.64
C PRO A 227 -17.08 3.74 19.55
N LYS A 228 -17.11 2.99 18.45
CA LYS A 228 -16.06 2.05 18.10
C LYS A 228 -15.48 2.54 16.78
N SER A 229 -14.16 2.77 16.71
CA SER A 229 -13.56 3.25 15.48
C SER A 229 -12.87 2.11 14.71
N TRP A 230 -12.93 2.19 13.39
CA TRP A 230 -12.48 1.12 12.48
C TRP A 230 -11.47 1.62 11.46
N TYR A 231 -10.58 0.73 11.06
CA TYR A 231 -9.76 0.90 9.88
C TYR A 231 -10.01 -0.29 8.99
N SER A 232 -9.93 -0.09 7.68
CA SER A 232 -10.19 -1.15 6.71
CA SER A 232 -10.19 -1.16 6.72
C SER A 232 -9.27 -1.06 5.50
N VAL A 233 -8.85 -2.20 4.98
CA VAL A 233 -8.04 -2.23 3.78
C VAL A 233 -8.88 -2.93 2.71
N PRO A 234 -8.98 -2.34 1.52
CA PRO A 234 -9.81 -3.00 0.50
C PRO A 234 -9.29 -4.40 0.17
N PRO A 235 -10.20 -5.38 -0.02
CA PRO A 235 -9.81 -6.75 -0.34
C PRO A 235 -8.84 -6.80 -1.52
N GLU A 236 -9.07 -5.96 -2.53
CA GLU A 236 -8.18 -5.93 -3.68
C GLU A 236 -6.75 -5.50 -3.32
N HIS A 237 -6.57 -5.00 -2.10
CA HIS A 237 -5.21 -4.68 -1.66
C HIS A 237 -4.79 -5.47 -0.42
N GLY A 238 -5.59 -6.46 -0.04
CA GLY A 238 -5.31 -7.31 1.10
C GLY A 238 -3.93 -7.93 1.07
N LYS A 239 -3.51 -8.40 -0.10
CA LYS A 239 -2.23 -9.07 -0.20
C LYS A 239 -1.06 -8.13 0.10
N ARG A 240 -1.22 -6.85 -0.23
CA ARG A 240 -0.19 -5.86 0.07
CA ARG A 240 -0.18 -5.88 0.07
C ARG A 240 -0.03 -5.69 1.58
N LEU A 241 -1.14 -5.69 2.29
CA LEU A 241 -1.07 -5.59 3.74
C LEU A 241 -0.36 -6.81 4.32
N GLU A 242 -0.70 -8.00 3.84
CA GLU A 242 -0.02 -9.23 4.31
C GLU A 242 1.49 -9.19 4.04
N ARG A 243 1.89 -8.75 2.85
CA ARG A 243 3.30 -8.69 2.52
CA ARG A 243 3.31 -8.66 2.51
C ARG A 243 4.01 -7.75 3.48
N LEU A 244 3.39 -6.61 3.77
CA LEU A 244 3.97 -5.65 4.69
C LEU A 244 4.09 -6.29 6.09
N ALA A 245 3.02 -6.92 6.56
CA ALA A 245 3.05 -7.52 7.89
C ALA A 245 4.13 -8.60 7.99
N LYS A 246 4.30 -9.43 6.94
CA LYS A 246 5.35 -10.44 6.93
C LYS A 246 6.71 -9.81 7.13
N GLY A 247 6.94 -8.70 6.43
CA GLY A 247 8.20 -8.00 6.53
C GLY A 247 8.45 -7.48 7.93
N PHE A 248 7.40 -6.98 8.57
CA PHE A 248 7.52 -6.41 9.92
C PHE A 248 7.64 -7.46 11.02
N PHE A 249 7.08 -8.64 10.79
CA PHE A 249 7.08 -9.69 11.81
C PHE A 249 7.54 -11.00 11.19
N PRO A 250 8.82 -11.06 10.77
CA PRO A 250 9.25 -12.23 9.98
C PRO A 250 9.22 -13.52 10.79
N GLY A 251 9.48 -13.40 12.08
CA GLY A 251 9.45 -14.56 12.97
C GLY A 251 8.06 -15.16 13.04
N SER A 252 7.06 -14.33 13.25
CA SER A 252 5.69 -14.79 13.25
C SER A 252 5.29 -15.42 11.90
N ALA A 253 5.75 -14.79 10.81
CA ALA A 253 5.41 -15.28 9.47
C ALA A 253 6.04 -16.64 9.21
N GLN A 254 7.25 -16.87 9.70
CA GLN A 254 7.90 -18.17 9.55
C GLN A 254 7.15 -19.28 10.31
N SER A 255 6.62 -18.93 11.49
CA SER A 255 5.95 -19.91 12.33
C SER A 255 4.51 -20.26 11.88
N CYS A 256 3.90 -19.38 11.09
CA CYS A 256 2.52 -19.62 10.69
C CYS A 256 2.17 -19.00 9.32
N GLU A 257 1.41 -19.76 8.53
CA GLU A 257 1.07 -19.38 7.17
C GLU A 257 0.07 -18.23 7.12
N ALA A 258 -0.44 -17.85 8.29
CA ALA A 258 -1.49 -16.87 8.38
C ALA A 258 -1.49 -16.26 9.76
N PHE A 259 -0.34 -15.74 10.21
CA PHE A 259 -0.23 -15.32 11.59
C PHE A 259 -1.19 -14.19 11.94
N LEU A 260 -1.62 -13.41 10.95
CA LEU A 260 -2.57 -12.33 11.24
C LEU A 260 -3.86 -12.87 11.86
N ARG A 261 -4.15 -14.14 11.60
CA ARG A 261 -5.37 -14.74 12.14
C ARG A 261 -5.33 -14.92 13.65
N HIS A 262 -4.15 -14.82 14.26
CA HIS A 262 -4.07 -14.88 15.71
C HIS A 262 -4.68 -13.63 16.31
N LYS A 263 -4.89 -12.62 15.47
CA LYS A 263 -5.48 -11.35 15.91
C LYS A 263 -4.68 -10.69 17.02
N MET A 264 -3.37 -10.65 16.84
CA MET A 264 -2.51 -10.07 17.85
C MET A 264 -1.75 -8.86 17.30
N THR A 265 -1.92 -8.56 16.03
CA THR A 265 -1.03 -7.63 15.34
C THR A 265 -1.69 -6.28 15.08
N LEU A 266 -1.14 -5.25 15.68
CA LEU A 266 -1.64 -3.88 15.54
C LEU A 266 -0.68 -3.07 14.69
N ILE A 267 -1.22 -2.32 13.74
CA ILE A 267 -0.41 -1.49 12.85
C ILE A 267 -1.10 -0.15 12.67
N SER A 268 -0.40 0.95 12.95
CA SER A 268 -1.02 2.27 12.96
C SER A 268 -1.27 2.78 11.53
N PRO A 269 -2.25 3.68 11.39
CA PRO A 269 -2.53 4.20 10.04
C PRO A 269 -1.34 4.95 9.46
N LEU A 270 -0.50 5.54 10.33
CA LEU A 270 0.71 6.21 9.84
C LEU A 270 1.70 5.25 9.17
N MET A 271 1.81 4.04 9.73
CA MET A 271 2.65 3.02 9.11
C MET A 271 2.05 2.60 7.79
N LEU A 272 0.74 2.35 7.75
CA LEU A 272 0.15 1.96 6.46
C LEU A 272 0.41 3.03 5.39
N LYS A 273 0.27 4.27 5.79
CA LYS A 273 0.45 5.40 4.87
C LYS A 273 1.91 5.43 4.39
N LYS A 274 2.83 5.25 5.33
CA LYS A 274 4.25 5.32 5.04
C LYS A 274 4.69 4.22 4.07
N TYR A 275 3.98 3.09 4.08
CA TYR A 275 4.29 2.03 3.15
C TYR A 275 3.28 1.85 2.00
N GLY A 276 2.46 2.86 1.76
CA GLY A 276 1.64 2.88 0.57
C GLY A 276 0.48 1.92 0.56
N ILE A 277 0.06 1.44 1.73
CA ILE A 277 -1.10 0.54 1.79
C ILE A 277 -2.38 1.36 1.82
N PRO A 278 -3.27 1.15 0.83
CA PRO A 278 -4.54 1.90 0.85
C PRO A 278 -5.42 1.48 2.01
N PHE A 279 -6.09 2.42 2.65
CA PHE A 279 -7.00 2.10 3.74
C PHE A 279 -7.97 3.24 3.96
N ASP A 280 -9.05 2.97 4.69
CA ASP A 280 -10.02 4.01 5.02
C ASP A 280 -10.31 3.88 6.52
N LYS A 281 -10.94 4.89 7.09
CA LYS A 281 -11.34 4.79 8.49
C LYS A 281 -12.78 5.26 8.65
N VAL A 282 -13.45 4.75 9.67
CA VAL A 282 -14.82 5.18 9.95
C VAL A 282 -15.06 4.96 11.44
N THR A 283 -15.92 5.78 12.01
CA THR A 283 -16.31 5.65 13.41
C THR A 283 -17.77 5.21 13.48
N GLN A 284 -18.01 4.16 14.26
CA GLN A 284 -19.36 3.60 14.41
C GLN A 284 -20.02 4.10 15.70
N GLU A 285 -21.25 4.57 15.62
CA GLU A 285 -21.96 5.07 16.81
C GLU A 285 -23.01 4.08 17.31
N ALA A 286 -23.45 4.24 18.56
CA ALA A 286 -24.54 3.42 19.07
C ALA A 286 -25.71 3.44 18.08
N GLY A 287 -26.36 2.30 17.88
CA GLY A 287 -27.44 2.21 16.92
C GLY A 287 -27.06 1.94 15.47
N GLU A 288 -25.75 1.84 15.19
CA GLU A 288 -25.29 1.63 13.81
C GLU A 288 -24.70 0.23 13.52
N PHE A 289 -24.92 -0.30 12.32
CA PHE A 289 -24.34 -1.58 11.90
C PHE A 289 -23.08 -1.36 11.09
N MET A 290 -22.06 -2.21 11.29
CA MET A 290 -20.95 -2.29 10.34
C MET A 290 -20.96 -3.68 9.70
N ILE A 291 -20.73 -3.71 8.39
CA ILE A 291 -20.63 -4.95 7.63
C ILE A 291 -19.20 -5.07 7.12
N THR A 292 -18.52 -6.16 7.45
CA THR A 292 -17.23 -6.43 6.79
C THR A 292 -17.41 -7.51 5.73
N PHE A 293 -16.59 -7.43 4.68
CA PHE A 293 -16.78 -8.25 3.49
C PHE A 293 -15.64 -9.27 3.36
N PRO A 294 -15.87 -10.36 2.61
CA PRO A 294 -14.83 -11.40 2.54
C PRO A 294 -13.46 -10.81 2.20
N TYR A 295 -12.46 -11.21 2.97
CA TYR A 295 -11.08 -10.77 2.76
C TYR A 295 -10.86 -9.27 2.97
N GLY A 296 -11.76 -8.62 3.70
CA GLY A 296 -11.54 -7.24 4.10
C GLY A 296 -10.80 -7.17 5.44
N TYR A 297 -9.51 -6.83 5.40
CA TYR A 297 -8.78 -6.63 6.66
C TYR A 297 -9.33 -5.43 7.41
N HIS A 298 -9.55 -5.61 8.71
CA HIS A 298 -10.04 -4.52 9.55
C HIS A 298 -9.39 -4.56 10.93
N ALA A 299 -9.39 -3.40 11.59
CA ALA A 299 -8.84 -3.26 12.93
C ALA A 299 -9.49 -2.02 13.51
N GLY A 300 -9.35 -1.82 14.82
CA GLY A 300 -9.98 -0.65 15.43
C GLY A 300 -9.87 -0.65 16.94
N PHE A 301 -10.65 0.23 17.58
CA PHE A 301 -10.60 0.38 19.04
C PHE A 301 -11.88 1.02 19.54
N ASN A 302 -12.17 0.81 20.82
CA ASN A 302 -13.36 1.39 21.43
C ASN A 302 -13.04 2.73 22.12
N HIS A 303 -13.99 3.66 22.09
CA HIS A 303 -13.79 5.00 22.66
C HIS A 303 -14.00 5.01 24.15
N GLY A 304 -14.86 4.11 24.63
CA GLY A 304 -15.19 4.03 26.05
C GLY A 304 -16.13 2.88 26.29
N PHE A 305 -16.86 2.91 27.40
CA PHE A 305 -17.79 1.85 27.70
C PHE A 305 -18.85 1.65 26.61
N ASN A 306 -18.94 0.44 26.09
CA ASN A 306 -19.95 0.15 25.09
C ASN A 306 -20.25 -1.33 25.01
N CYS A 307 -21.20 -1.69 24.17
CA CYS A 307 -21.54 -3.09 23.98
C CYS A 307 -21.89 -3.27 22.51
N ALA A 308 -21.19 -4.20 21.84
CA ALA A 308 -21.47 -4.52 20.44
C ALA A 308 -21.85 -5.98 20.33
N GLU A 309 -22.62 -6.33 19.30
CA GLU A 309 -22.97 -7.73 19.07
C GLU A 309 -22.56 -8.10 17.65
N SER A 310 -22.06 -9.31 17.45
CA SER A 310 -21.60 -9.66 16.11
C SER A 310 -21.62 -11.15 15.81
N THR A 311 -21.60 -11.46 14.52
CA THR A 311 -21.51 -12.83 14.06
C THR A 311 -21.09 -12.81 12.60
N ASN A 312 -20.78 -13.97 12.02
CA ASN A 312 -20.43 -14.00 10.61
C ASN A 312 -21.65 -14.36 9.76
N PHE A 313 -21.53 -14.13 8.45
CA PHE A 313 -22.57 -14.59 7.54
C PHE A 313 -21.95 -14.81 6.18
N ALA A 314 -22.72 -15.35 5.23
CA ALA A 314 -22.21 -15.64 3.89
C ALA A 314 -23.18 -15.18 2.78
N THR A 315 -22.66 -15.11 1.57
CA THR A 315 -23.46 -15.00 0.36
C THR A 315 -22.83 -15.97 -0.61
N ARG A 316 -23.46 -16.16 -1.76
CA ARG A 316 -22.91 -17.09 -2.73
C ARG A 316 -21.50 -16.70 -3.15
N ARG A 317 -21.23 -15.39 -3.25
CA ARG A 317 -19.89 -14.90 -3.60
C ARG A 317 -18.80 -15.39 -2.59
N TRP A 318 -19.19 -15.60 -1.34
CA TRP A 318 -18.21 -16.02 -0.34
C TRP A 318 -17.62 -17.41 -0.62
N ILE A 319 -18.40 -18.29 -1.22
CA ILE A 319 -17.98 -19.68 -1.35
C ILE A 319 -16.56 -19.80 -1.90
N GLU A 320 -16.26 -19.01 -2.93
CA GLU A 320 -14.93 -19.07 -3.52
C GLU A 320 -13.88 -18.57 -2.52
N TYR A 321 -14.20 -17.51 -1.79
CA TYR A 321 -13.29 -17.06 -0.74
C TYR A 321 -13.05 -18.17 0.27
N GLY A 322 -14.13 -18.88 0.64
CA GLY A 322 -14.01 -19.94 1.62
C GLY A 322 -13.08 -21.03 1.11
N LYS A 323 -13.20 -21.36 -0.17
CA LYS A 323 -12.37 -22.41 -0.74
C LYS A 323 -10.90 -22.03 -0.72
N GLN A 324 -10.63 -20.75 -0.91
CA GLN A 324 -9.26 -20.29 -1.09
C GLN A 324 -8.65 -19.65 0.16
N ALA A 325 -9.41 -19.57 1.25
CA ALA A 325 -8.90 -18.89 2.46
C ALA A 325 -7.60 -19.54 2.94
N VAL A 326 -6.61 -18.71 3.28
CA VAL A 326 -5.36 -19.25 3.84
C VAL A 326 -5.46 -19.25 5.35
N LEU A 327 -5.40 -20.44 5.94
CA LEU A 327 -5.73 -20.63 7.34
C LEU A 327 -4.52 -20.76 8.25
N CYS A 328 -4.73 -20.49 9.53
CA CYS A 328 -3.69 -20.66 10.54
C CYS A 328 -3.25 -22.11 10.55
N SER A 329 -1.94 -22.32 10.45
CA SER A 329 -1.37 -23.65 10.39
C SER A 329 -0.66 -24.07 11.68
N CYS A 330 -0.86 -23.33 12.76
CA CYS A 330 0.00 -23.52 13.92
C CYS A 330 -0.71 -23.69 15.24
N ARG A 331 -2.02 -23.45 15.28
CA ARG A 331 -2.75 -23.50 16.53
CA ARG A 331 -2.76 -23.48 16.53
C ARG A 331 -3.78 -24.61 16.53
N LYS A 332 -4.04 -25.18 17.70
CA LYS A 332 -5.10 -26.17 17.84
C LYS A 332 -6.39 -25.44 18.16
N ASP A 333 -7.49 -25.91 17.57
CA ASP A 333 -8.80 -25.28 17.76
C ASP A 333 -8.97 -23.99 16.96
N MET A 334 -8.22 -23.85 15.88
CA MET A 334 -8.45 -22.74 14.95
CA MET A 334 -8.43 -22.75 14.96
C MET A 334 -9.66 -23.11 14.08
N VAL A 335 -10.38 -22.09 13.64
CA VAL A 335 -11.62 -22.33 12.92
C VAL A 335 -11.43 -22.77 11.46
N LYS A 336 -12.04 -23.91 11.12
CA LYS A 336 -12.03 -24.42 9.75
C LYS A 336 -13.40 -24.98 9.41
N ILE A 337 -13.98 -24.48 8.33
CA ILE A 337 -15.30 -24.92 7.88
C ILE A 337 -15.09 -25.78 6.63
N SER A 338 -15.68 -26.97 6.61
CA SER A 338 -15.65 -27.82 5.43
C SER A 338 -16.44 -27.15 4.31
N MET A 339 -15.80 -26.92 3.18
CA MET A 339 -16.44 -26.23 2.04
C MET A 339 -17.25 -27.19 1.18
N ASP A 340 -17.10 -28.48 1.47
CA ASP A 340 -17.63 -29.53 0.62
C ASP A 340 -19.11 -29.31 0.28
N VAL A 341 -19.91 -29.05 1.30
CA VAL A 341 -21.33 -28.94 1.08
C VAL A 341 -21.71 -27.72 0.25
N PHE A 342 -20.92 -26.65 0.35
CA PHE A 342 -21.17 -25.46 -0.47
C PHE A 342 -20.81 -25.68 -1.95
N VAL A 343 -19.71 -26.38 -2.18
CA VAL A 343 -19.27 -26.62 -3.53
C VAL A 343 -20.24 -27.57 -4.23
N ARG A 344 -20.68 -28.62 -3.53
CA ARG A 344 -21.64 -29.56 -4.11
CA ARG A 344 -21.62 -29.55 -4.12
C ARG A 344 -22.94 -28.84 -4.46
N LYS A 345 -23.44 -28.06 -3.51
CA LYS A 345 -24.72 -27.41 -3.70
C LYS A 345 -24.67 -26.27 -4.73
N PHE A 346 -23.66 -25.40 -4.64
CA PHE A 346 -23.65 -24.19 -5.49
C PHE A 346 -22.66 -24.25 -6.66
N GLN A 347 -21.71 -25.17 -6.64
CA GLN A 347 -20.79 -25.32 -7.77
C GLN A 347 -20.62 -26.78 -8.19
N PRO A 348 -21.73 -27.48 -8.45
CA PRO A 348 -21.67 -28.91 -8.76
C PRO A 348 -20.78 -29.22 -9.97
N GLU A 349 -20.75 -28.33 -10.96
CA GLU A 349 -19.97 -28.58 -12.15
C GLU A 349 -18.48 -28.45 -11.89
N ARG A 350 -18.13 -27.89 -10.73
CA ARG A 350 -16.72 -27.71 -10.38
CA ARG A 350 -16.71 -27.72 -10.38
C ARG A 350 -16.29 -28.67 -9.28
N TYR A 351 -17.25 -29.41 -8.74
CA TYR A 351 -16.96 -30.26 -7.59
C TYR A 351 -15.80 -31.22 -7.84
N LYS A 352 -15.92 -32.05 -8.87
CA LYS A 352 -14.90 -33.05 -9.15
C LYS A 352 -13.54 -32.40 -9.37
N LEU A 353 -13.51 -31.34 -10.19
CA LEU A 353 -12.28 -30.62 -10.45
C LEU A 353 -11.65 -30.08 -9.16
N TRP A 354 -12.50 -29.55 -8.29
CA TRP A 354 -12.07 -29.03 -6.99
C TRP A 354 -11.49 -30.14 -6.09
N LYS A 355 -12.23 -31.23 -5.89
CA LYS A 355 -11.72 -32.35 -5.10
C LYS A 355 -10.40 -32.87 -5.68
N ALA A 356 -10.24 -32.74 -6.99
CA ALA A 356 -9.02 -33.20 -7.64
C ALA A 356 -7.93 -32.14 -7.54
N GLY A 357 -8.17 -31.09 -6.76
CA GLY A 357 -7.20 -30.02 -6.57
C GLY A 357 -6.83 -29.27 -7.83
N LYS A 358 -7.71 -29.29 -8.82
CA LYS A 358 -7.44 -28.64 -10.10
C LYS A 358 -8.24 -27.37 -10.37
N ASP A 359 -9.04 -26.94 -9.39
CA ASP A 359 -9.86 -25.74 -9.57
C ASP A 359 -8.98 -24.49 -9.44
N ASN A 360 -8.73 -23.83 -10.56
CA ASN A 360 -7.84 -22.66 -10.54
C ASN A 360 -8.58 -21.33 -10.68
N THR A 361 -9.86 -21.33 -10.33
CA THR A 361 -10.66 -20.10 -10.31
C THR A 361 -9.87 -18.97 -9.65
N VAL A 362 -9.90 -17.80 -10.27
CA VAL A 362 -9.23 -16.64 -9.70
C VAL A 362 -10.28 -15.67 -9.21
N ILE A 363 -10.17 -15.25 -7.95
CA ILE A 363 -11.16 -14.32 -7.41
C ILE A 363 -10.99 -12.89 -7.93
N ASP A 364 -12.08 -12.29 -8.42
CA ASP A 364 -12.11 -10.85 -8.77
C ASP A 364 -12.81 -10.08 -7.66
N HIS A 365 -12.02 -9.38 -6.84
CA HIS A 365 -12.56 -8.74 -5.64
C HIS A 365 -13.57 -7.63 -5.92
N THR A 366 -13.63 -7.14 -7.17
CA THR A 366 -14.56 -6.05 -7.49
C THR A 366 -15.99 -6.54 -7.76
N LEU A 367 -16.14 -7.80 -8.15
CA LEU A 367 -17.44 -8.34 -8.54
C LEU A 367 -18.43 -8.46 -7.37
N PRO A 368 -19.67 -7.94 -7.54
CA PRO A 368 -20.73 -8.13 -6.55
C PRO A 368 -21.23 -9.59 -6.52
N THR A 369 -21.85 -10.02 -5.41
CA THR A 369 -22.38 -11.39 -5.31
C THR A 369 -23.48 -11.58 -6.37
N PRO A 370 -23.67 -12.81 -6.90
CA PRO A 370 -24.66 -12.94 -7.97
C PRO A 370 -26.11 -12.58 -7.59
N GLU A 371 -26.44 -12.62 -6.31
CA GLU A 371 -27.80 -12.24 -5.87
C GLU A 371 -28.12 -10.77 -6.17
N ALA A 372 -27.09 -9.98 -6.46
CA ALA A 372 -27.27 -8.57 -6.78
C ALA A 372 -27.82 -8.37 -8.18
N ALA A 373 -27.87 -9.44 -8.97
CA ALA A 373 -28.29 -9.36 -10.36
C ALA A 373 -29.48 -8.43 -10.57
N GLU A 374 -30.51 -8.58 -9.74
CA GLU A 374 -31.75 -7.82 -9.90
C GLU A 374 -31.58 -6.31 -9.72
N PHE A 375 -30.54 -5.91 -9.01
CA PHE A 375 -30.27 -4.49 -8.78
C PHE A 375 -29.40 -3.92 -9.90
N LEU A 376 -28.98 -4.78 -10.82
CA LEU A 376 -28.05 -4.40 -11.86
C LEU A 376 -28.69 -4.37 -13.26
N LYS A 377 -29.84 -5.03 -13.39
CA LYS A 377 -30.54 -5.11 -14.68
C LYS A 377 -31.09 -3.75 -15.11
N THR B 29 18.52 -0.25 11.36
CA THR B 29 17.35 -0.37 12.23
C THR B 29 16.14 0.36 11.66
N LEU B 30 16.40 1.43 10.90
CA LEU B 30 15.32 2.20 10.28
C LEU B 30 14.96 1.69 8.87
N ASN B 31 13.68 1.43 8.66
CA ASN B 31 13.20 0.73 7.45
C ASN B 31 14.07 -0.49 7.07
N PRO B 32 14.22 -1.42 8.02
CA PRO B 32 15.10 -2.60 7.87
C PRO B 32 14.66 -3.50 6.72
N SER B 33 13.39 -3.41 6.31
CA SER B 33 12.91 -4.21 5.20
C SER B 33 13.31 -3.53 3.88
N ALA B 34 13.89 -2.33 3.99
CA ALA B 34 14.31 -1.54 2.84
C ALA B 34 13.21 -1.43 1.80
N ARG B 35 11.99 -1.22 2.25
CA ARG B 35 10.85 -1.11 1.35
C ARG B 35 10.66 0.33 0.95
N ILE B 36 10.09 0.54 -0.22
CA ILE B 36 9.87 1.88 -0.71
C ILE B 36 8.88 2.56 0.21
N MET B 37 9.27 3.73 0.72
CA MET B 37 8.41 4.52 1.59
C MET B 37 7.79 5.70 0.85
N THR B 38 6.67 6.17 1.37
CA THR B 38 5.93 7.29 0.81
C THR B 38 5.78 8.33 1.90
N PHE B 39 5.97 9.59 1.55
CA PHE B 39 5.94 10.67 2.53
C PHE B 39 4.93 11.74 2.13
N TYR B 40 4.39 12.44 3.13
CA TYR B 40 3.33 13.41 2.89
C TYR B 40 3.62 14.68 3.64
N PRO B 41 4.59 15.48 3.16
CA PRO B 41 4.98 16.67 3.93
C PRO B 41 3.85 17.69 3.99
N THR B 42 3.85 18.50 5.04
CA THR B 42 2.98 19.67 5.13
C THR B 42 3.61 20.75 4.25
N MET B 43 2.85 21.79 3.93
CA MET B 43 3.37 22.87 3.10
C MET B 43 4.61 23.47 3.76
N GLU B 44 4.54 23.60 5.08
CA GLU B 44 5.63 24.16 5.83
C GLU B 44 6.88 23.26 5.77
N GLU B 45 6.68 21.94 5.76
CA GLU B 45 7.79 21.00 5.59
C GLU B 45 8.31 21.00 4.16
N PHE B 46 7.40 21.21 3.22
CA PHE B 46 7.69 21.11 1.80
C PHE B 46 8.63 22.21 1.30
N ARG B 47 8.60 23.36 1.96
CA ARG B 47 9.32 24.53 1.45
C ARG B 47 10.83 24.36 1.36
N ASN B 48 11.44 23.69 2.33
CA ASN B 48 12.87 23.49 2.30
C ASN B 48 13.24 22.11 1.71
N PHE B 49 13.60 22.09 0.43
CA PHE B 49 13.84 20.82 -0.26
C PHE B 49 14.97 19.97 0.34
N SER B 50 16.16 20.55 0.44
CA SER B 50 17.31 19.79 0.93
C SER B 50 17.06 19.33 2.36
N ARG B 51 16.31 20.11 3.12
CA ARG B 51 16.03 19.73 4.50
C ARG B 51 15.03 18.57 4.58
N TYR B 52 14.06 18.54 3.67
CA TYR B 52 13.12 17.43 3.67
C TYR B 52 13.79 16.14 3.20
N ILE B 53 14.70 16.26 2.23
CA ILE B 53 15.48 15.09 1.83
C ILE B 53 16.24 14.52 3.04
N ALA B 54 16.87 15.40 3.81
CA ALA B 54 17.57 14.95 5.01
C ALA B 54 16.58 14.26 5.93
N TYR B 55 15.38 14.81 6.06
CA TYR B 55 14.35 14.17 6.88
C TYR B 55 13.94 12.77 6.42
N ILE B 56 13.67 12.60 5.14
CA ILE B 56 13.24 11.27 4.72
C ILE B 56 14.36 10.25 4.91
N GLU B 57 15.61 10.69 4.78
CA GLU B 57 16.73 9.81 5.06
C GLU B 57 16.78 9.43 6.54
N SER B 58 16.49 10.40 7.41
CA SER B 58 16.45 10.06 8.84
C SER B 58 15.38 9.00 9.12
N GLN B 59 14.40 8.88 8.23
CA GLN B 59 13.37 7.85 8.35
C GLN B 59 13.75 6.57 7.61
N GLY B 60 14.92 6.57 7.00
CA GLY B 60 15.43 5.39 6.33
C GLY B 60 14.96 5.22 4.90
N ALA B 61 14.41 6.28 4.31
CA ALA B 61 13.88 6.20 2.93
C ALA B 61 14.94 5.76 1.91
N HIS B 62 16.18 6.14 2.13
CA HIS B 62 17.25 5.89 1.16
C HIS B 62 17.59 4.42 1.00
N ARG B 63 17.27 3.61 2.01
CA ARG B 63 17.63 2.19 1.96
C ARG B 63 17.00 1.41 0.82
N ALA B 64 15.79 1.77 0.43
CA ALA B 64 15.10 1.15 -0.72
C ALA B 64 15.68 1.60 -2.08
N GLY B 65 16.44 2.70 -2.08
CA GLY B 65 16.97 3.28 -3.31
C GLY B 65 16.00 4.19 -4.04
N LEU B 66 14.75 4.23 -3.57
CA LEU B 66 13.67 4.99 -4.21
C LEU B 66 12.59 5.32 -3.16
N ALA B 67 12.02 6.52 -3.24
CA ALA B 67 10.95 6.92 -2.31
C ALA B 67 9.96 7.82 -3.01
N LYS B 68 8.72 7.80 -2.55
CA LYS B 68 7.72 8.67 -3.12
C LYS B 68 7.43 9.82 -2.17
N VAL B 69 7.24 11.00 -2.72
CA VAL B 69 6.81 12.14 -1.92
C VAL B 69 5.57 12.75 -2.54
N VAL B 70 4.49 12.76 -1.78
CA VAL B 70 3.24 13.36 -2.20
C VAL B 70 3.17 14.78 -1.68
N PRO B 71 3.15 15.78 -2.58
CA PRO B 71 3.15 17.20 -2.18
C PRO B 71 1.84 17.61 -1.51
N PRO B 72 1.87 18.68 -0.71
CA PRO B 72 0.65 19.15 -0.06
C PRO B 72 -0.42 19.41 -1.11
N LYS B 73 -1.68 19.17 -0.75
CA LYS B 73 -2.79 19.30 -1.69
C LYS B 73 -2.83 20.66 -2.39
N GLU B 74 -2.43 21.70 -1.67
CA GLU B 74 -2.56 23.06 -2.18
C GLU B 74 -1.40 23.52 -3.05
N TRP B 75 -0.38 22.67 -3.20
CA TRP B 75 0.76 23.03 -4.01
C TRP B 75 0.53 22.66 -5.48
N LYS B 76 0.96 23.52 -6.39
CA LYS B 76 0.81 23.29 -7.83
C LYS B 76 1.96 23.96 -8.59
N PRO B 77 2.63 23.21 -9.48
CA PRO B 77 3.81 23.81 -10.14
C PRO B 77 3.46 24.60 -11.37
N ARG B 78 2.21 24.49 -11.82
CA ARG B 78 1.76 25.15 -13.04
C ARG B 78 0.25 25.21 -12.96
N ALA B 79 -0.33 26.33 -13.39
CA ALA B 79 -1.78 26.46 -13.32
C ALA B 79 -2.50 25.47 -14.23
N SER B 80 -2.01 25.33 -15.46
CA SER B 80 -2.69 24.53 -16.46
C SER B 80 -1.71 23.99 -17.50
N TYR B 81 -1.98 22.79 -18.01
CA TYR B 81 -1.11 22.17 -19.00
C TYR B 81 -1.72 22.20 -20.40
N ASP B 82 -2.62 23.15 -20.63
CA ASP B 82 -3.34 23.20 -21.89
C ASP B 82 -2.64 24.10 -22.91
N ASP B 83 -1.57 24.75 -22.49
CA ASP B 83 -0.86 25.70 -23.35
C ASP B 83 0.45 25.16 -23.93
N ILE B 84 0.67 23.84 -23.84
CA ILE B 84 1.94 23.28 -24.26
C ILE B 84 1.83 22.43 -25.53
N ASP B 85 0.68 22.48 -26.19
CA ASP B 85 0.48 21.64 -27.36
C ASP B 85 1.48 21.87 -28.46
N ASP B 86 2.10 23.05 -28.46
CA ASP B 86 3.01 23.43 -29.52
C ASP B 86 4.45 23.08 -29.19
N LEU B 87 4.68 22.73 -27.92
CA LEU B 87 6.00 22.32 -27.47
C LEU B 87 6.57 21.25 -28.39
N VAL B 88 7.82 21.43 -28.80
CA VAL B 88 8.46 20.50 -29.72
C VAL B 88 9.28 19.45 -28.99
N ILE B 89 9.05 18.18 -29.34
CA ILE B 89 9.90 17.06 -28.92
C ILE B 89 10.91 16.79 -30.03
N PRO B 90 12.16 17.24 -29.88
CA PRO B 90 13.05 17.26 -31.04
C PRO B 90 13.52 15.89 -31.47
N ALA B 91 13.65 14.94 -30.53
CA ALA B 91 14.27 13.68 -30.84
C ALA B 91 13.49 12.51 -30.22
N PRO B 92 12.24 12.31 -30.66
CA PRO B 92 11.49 11.18 -30.11
C PRO B 92 12.26 9.89 -30.41
N ILE B 93 12.11 8.88 -29.56
CA ILE B 93 12.88 7.66 -29.70
C ILE B 93 11.95 6.46 -29.86
N GLN B 94 12.11 5.68 -30.92
CA GLN B 94 11.34 4.44 -31.02
C GLN B 94 12.13 3.34 -30.31
N GLN B 95 11.48 2.65 -29.38
CA GLN B 95 12.17 1.68 -28.51
C GLN B 95 11.96 0.24 -29.00
N LEU B 96 12.97 -0.28 -29.70
CA LEU B 96 12.98 -1.66 -30.17
C LEU B 96 13.58 -2.50 -29.07
N VAL B 97 12.98 -3.66 -28.78
CA VAL B 97 13.47 -4.49 -27.68
C VAL B 97 13.60 -5.93 -28.15
N THR B 98 14.74 -6.55 -27.86
CA THR B 98 14.99 -7.93 -28.26
C THR B 98 15.42 -8.74 -27.05
N GLY B 99 14.92 -9.96 -26.92
CA GLY B 99 15.32 -10.82 -25.82
C GLY B 99 14.27 -11.84 -25.48
N GLN B 100 14.42 -12.52 -24.35
CA GLN B 100 13.56 -13.64 -23.97
C GLN B 100 13.88 -14.06 -22.54
N SER B 101 13.02 -14.89 -21.95
CA SER B 101 13.20 -15.40 -20.60
C SER B 101 13.54 -14.30 -19.60
N GLY B 102 12.89 -13.15 -19.73
CA GLY B 102 13.03 -12.07 -18.76
C GLY B 102 14.25 -11.17 -18.91
N LEU B 103 15.04 -11.40 -19.96
CA LEU B 103 16.27 -10.66 -20.19
C LEU B 103 16.21 -9.99 -21.56
N PHE B 104 16.35 -8.66 -21.61
CA PHE B 104 16.19 -7.95 -22.88
C PHE B 104 17.22 -6.84 -23.06
N THR B 105 17.40 -6.43 -24.31
CA THR B 105 18.23 -5.28 -24.68
C THR B 105 17.40 -4.37 -25.57
N GLN B 106 17.44 -3.09 -25.26
CA GLN B 106 16.63 -2.06 -25.88
C GLN B 106 17.51 -1.26 -26.83
N TYR B 107 17.03 -1.04 -28.04
CA TYR B 107 17.74 -0.29 -29.06
C TYR B 107 16.89 0.91 -29.45
N ASN B 108 17.51 2.08 -29.44
CA ASN B 108 16.80 3.31 -29.72
C ASN B 108 16.88 3.68 -31.18
N ILE B 109 15.75 4.04 -31.76
CA ILE B 109 15.75 4.54 -33.13
C ILE B 109 15.21 5.95 -33.09
N GLN B 110 16.02 6.93 -33.45
CA GLN B 110 15.58 8.31 -33.35
C GLN B 110 14.59 8.60 -34.46
N LYS B 111 13.52 9.30 -34.14
CA LYS B 111 12.53 9.68 -35.16
C LYS B 111 12.56 11.18 -35.36
N LYS B 112 11.84 11.66 -36.37
CA LYS B 112 11.83 13.09 -36.64
C LYS B 112 11.09 13.83 -35.53
N ALA B 113 11.39 15.11 -35.37
CA ALA B 113 10.73 15.94 -34.34
C ALA B 113 9.21 15.90 -34.49
N MET B 114 8.51 16.12 -33.37
CA MET B 114 7.08 16.23 -33.41
C MET B 114 6.66 17.07 -32.22
N THR B 115 5.45 17.62 -32.28
CA THR B 115 4.96 18.44 -31.18
C THR B 115 4.25 17.54 -30.17
N VAL B 116 4.06 18.06 -28.97
CA VAL B 116 3.29 17.34 -27.96
C VAL B 116 1.91 16.96 -28.49
N ARG B 117 1.27 17.88 -29.22
CA ARG B 117 0.01 17.57 -29.89
C ARG B 117 0.09 16.28 -30.71
N GLU B 118 1.06 16.22 -31.62
CA GLU B 118 1.22 15.07 -32.50
C GLU B 118 1.56 13.78 -31.71
N PHE B 119 2.35 13.93 -30.66
CA PHE B 119 2.76 12.77 -29.89
C PHE B 119 1.56 12.21 -29.12
N ARG B 120 0.81 13.10 -28.46
CA ARG B 120 -0.38 12.72 -27.71
C ARG B 120 -1.35 11.98 -28.62
N LYS B 121 -1.48 12.47 -29.84
CA LYS B 121 -2.40 11.85 -30.79
C LYS B 121 -2.00 10.40 -31.09
N ILE B 122 -0.72 10.18 -31.38
CA ILE B 122 -0.20 8.83 -31.57
C ILE B 122 -0.28 7.96 -30.30
N ALA B 123 0.10 8.54 -29.17
CA ALA B 123 0.05 7.83 -27.90
C ALA B 123 -1.35 7.30 -27.55
N ASN B 124 -2.37 8.11 -27.83
CA ASN B 124 -3.74 7.74 -27.49
C ASN B 124 -4.43 6.99 -28.61
N SER B 125 -3.77 6.86 -29.75
CA SER B 125 -4.36 6.15 -30.89
C SER B 125 -4.52 4.68 -30.54
N ASP B 126 -5.37 3.97 -31.28
CA ASP B 126 -5.64 2.56 -31.03
C ASP B 126 -4.41 1.68 -31.17
N LYS B 127 -3.45 2.13 -31.95
CA LYS B 127 -2.24 1.34 -32.19
C LYS B 127 -1.37 1.26 -30.94
N TYR B 128 -1.29 2.38 -30.20
CA TYR B 128 -0.36 2.50 -29.09
C TYR B 128 -1.02 2.67 -27.73
N CYS B 129 -2.34 2.72 -27.67
CA CYS B 129 -2.99 3.02 -26.40
C CYS B 129 -2.82 1.89 -25.40
N THR B 130 -2.93 2.24 -24.12
CA THR B 130 -2.92 1.29 -23.04
C THR B 130 -3.95 0.19 -23.27
N PRO B 131 -3.56 -1.08 -23.03
CA PRO B 131 -4.58 -2.14 -23.10
C PRO B 131 -5.59 -2.12 -21.95
N ARG B 132 -6.74 -2.77 -22.14
CA ARG B 132 -7.73 -2.90 -21.09
C ARG B 132 -7.14 -3.77 -19.99
N TYR B 133 -7.51 -3.47 -18.76
CA TYR B 133 -7.03 -4.25 -17.64
C TYR B 133 -7.75 -3.81 -16.38
N SER B 134 -7.77 -4.67 -15.36
CA SER B 134 -8.46 -4.34 -14.12
C SER B 134 -7.50 -3.93 -13.00
N GLU B 135 -6.47 -4.74 -12.77
CA GLU B 135 -5.56 -4.51 -11.66
C GLU B 135 -4.15 -4.26 -12.19
N PHE B 136 -3.33 -3.58 -11.40
CA PHE B 136 -1.98 -3.27 -11.84
C PHE B 136 -1.18 -4.53 -12.23
N GLU B 137 -1.32 -5.58 -11.43
CA GLU B 137 -0.62 -6.82 -11.69
C GLU B 137 -0.92 -7.29 -13.09
N GLU B 138 -2.16 -7.07 -13.55
CA GLU B 138 -2.50 -7.49 -14.89
C GLU B 138 -1.73 -6.64 -15.90
N LEU B 139 -1.71 -5.33 -15.71
CA LEU B 139 -1.03 -4.47 -16.68
C LEU B 139 0.47 -4.81 -16.70
N GLU B 140 1.01 -5.01 -15.50
CA GLU B 140 2.41 -5.36 -15.36
C GLU B 140 2.73 -6.62 -16.15
N ARG B 141 1.86 -7.62 -16.04
CA ARG B 141 2.01 -8.84 -16.81
C ARG B 141 2.00 -8.56 -18.30
N LYS B 142 1.04 -7.75 -18.76
CA LYS B 142 1.00 -7.38 -20.18
C LYS B 142 2.26 -6.66 -20.64
N TYR B 143 2.85 -5.84 -19.77
CA TYR B 143 4.10 -5.18 -20.13
C TYR B 143 5.22 -6.19 -20.42
N TRP B 144 5.47 -7.09 -19.47
CA TRP B 144 6.54 -8.06 -19.61
C TRP B 144 6.29 -9.07 -20.70
N LYS B 145 5.01 -9.38 -20.96
CA LYS B 145 4.65 -10.27 -22.06
C LYS B 145 4.76 -9.60 -23.44
N ASN B 146 4.50 -8.30 -23.53
CA ASN B 146 4.45 -7.62 -24.85
C ASN B 146 5.61 -6.66 -25.12
N LEU B 147 6.58 -6.66 -24.20
CA LEU B 147 7.75 -5.80 -24.24
C LEU B 147 8.41 -5.72 -25.62
N THR B 148 8.55 -6.86 -26.28
CA THR B 148 9.28 -6.92 -27.55
C THR B 148 8.42 -6.64 -28.80
N PHE B 149 7.10 -6.47 -28.62
CA PHE B 149 6.19 -6.22 -29.75
C PHE B 149 5.73 -4.76 -29.88
N ASN B 150 5.32 -4.37 -31.08
CA ASN B 150 4.77 -3.03 -31.32
CA ASN B 150 4.78 -3.03 -31.33
C ASN B 150 5.61 -1.94 -30.64
N PRO B 151 6.85 -1.76 -31.09
CA PRO B 151 7.75 -0.83 -30.39
C PRO B 151 7.13 0.55 -30.24
N PRO B 152 7.07 1.06 -29.01
CA PRO B 152 6.46 2.38 -28.80
C PRO B 152 7.45 3.51 -29.10
N ILE B 153 6.96 4.73 -28.98
CA ILE B 153 7.82 5.90 -29.14
C ILE B 153 7.85 6.69 -27.84
N TYR B 154 9.05 7.05 -27.37
CA TYR B 154 9.22 7.78 -26.12
C TYR B 154 9.71 9.21 -26.42
N GLY B 155 8.98 10.21 -25.97
CA GLY B 155 9.42 11.57 -26.14
C GLY B 155 10.40 11.96 -25.06
N ALA B 156 11.60 11.37 -25.13
CA ALA B 156 12.54 11.43 -24.02
C ALA B 156 13.57 12.54 -24.13
N ASP B 157 14.13 12.89 -22.97
CA ASP B 157 15.28 13.79 -22.90
C ASP B 157 15.03 15.16 -23.51
N VAL B 158 13.84 15.70 -23.32
CA VAL B 158 13.52 17.03 -23.85
C VAL B 158 14.00 18.12 -22.90
N ASN B 159 14.91 18.97 -23.35
CA ASN B 159 15.32 20.12 -22.56
C ASN B 159 14.16 21.05 -22.25
N GLY B 160 13.89 21.27 -20.97
CA GLY B 160 12.87 22.21 -20.57
C GLY B 160 12.24 21.92 -19.23
N THR B 161 11.37 22.81 -18.78
CA THR B 161 10.67 22.67 -17.52
C THR B 161 9.24 23.04 -17.80
N LEU B 162 8.31 22.48 -17.04
CA LEU B 162 6.94 22.94 -17.14
C LEU B 162 6.52 23.73 -15.90
N TYR B 163 7.45 23.96 -14.99
CA TYR B 163 7.15 24.76 -13.80
C TYR B 163 7.00 26.21 -14.20
N GLU B 164 6.14 26.92 -13.48
CA GLU B 164 5.96 28.35 -13.67
CA GLU B 164 5.96 28.35 -13.67
C GLU B 164 7.09 29.08 -12.93
N LYS B 165 7.56 30.18 -13.51
CA LYS B 165 8.68 30.96 -12.99
C LYS B 165 8.69 31.16 -11.48
N HIS B 166 7.51 31.30 -10.89
CA HIS B 166 7.45 31.79 -9.53
C HIS B 166 7.23 30.71 -8.47
N VAL B 167 7.29 29.46 -8.89
CA VAL B 167 7.15 28.35 -7.96
C VAL B 167 8.50 28.17 -7.27
N ASP B 168 8.56 28.46 -5.97
CA ASP B 168 9.80 28.33 -5.21
C ASP B 168 9.97 26.97 -4.54
N GLU B 169 8.92 26.15 -4.48
CA GLU B 169 9.02 24.88 -3.75
C GLU B 169 9.26 23.71 -4.70
N TRP B 170 10.28 22.91 -4.39
CA TRP B 170 10.60 21.75 -5.20
C TRP B 170 10.68 22.06 -6.70
N ASN B 171 11.26 23.19 -7.04
CA ASN B 171 11.38 23.56 -8.45
C ASN B 171 12.57 22.89 -9.08
N ILE B 172 12.27 21.94 -9.97
CA ILE B 172 13.28 21.05 -10.52
C ILE B 172 14.39 21.81 -11.29
N GLY B 173 14.06 23.00 -11.76
CA GLY B 173 15.03 23.81 -12.49
C GLY B 173 15.97 24.57 -11.56
N ARG B 174 15.66 24.56 -10.26
CA ARG B 174 16.49 25.28 -9.31
C ARG B 174 16.33 24.75 -7.88
N LEU B 175 16.81 23.54 -7.63
CA LEU B 175 16.61 22.92 -6.32
C LEU B 175 17.56 23.49 -5.28
N ARG B 176 18.68 24.04 -5.74
CA ARG B 176 19.61 24.74 -4.86
C ARG B 176 20.48 23.84 -3.98
N THR B 177 20.71 22.59 -4.42
CA THR B 177 21.57 21.68 -3.67
C THR B 177 23.01 21.93 -4.04
N ILE B 178 23.92 21.20 -3.39
CA ILE B 178 25.35 21.41 -3.62
C ILE B 178 25.82 20.92 -5.00
N LEU B 179 24.98 20.17 -5.72
CA LEU B 179 25.32 19.84 -7.10
C LEU B 179 25.58 21.14 -7.89
N ASP B 180 24.90 22.22 -7.50
CA ASP B 180 25.11 23.52 -8.16
C ASP B 180 26.57 23.96 -8.22
N LEU B 181 27.40 23.43 -7.33
CA LEU B 181 28.83 23.71 -7.37
C LEU B 181 29.49 23.39 -8.70
N VAL B 182 28.90 22.48 -9.48
CA VAL B 182 29.47 22.17 -10.78
C VAL B 182 29.31 23.40 -11.69
N GLU B 183 28.11 23.96 -11.71
CA GLU B 183 27.82 25.12 -12.55
C GLU B 183 28.52 26.37 -12.00
N LYS B 184 28.29 26.66 -10.73
CA LYS B 184 28.83 27.86 -10.08
C LYS B 184 30.35 28.00 -10.16
N GLU B 185 31.07 26.88 -10.12
CA GLU B 185 32.53 26.93 -10.00
C GLU B 185 33.30 26.44 -11.23
N SER B 186 32.61 25.93 -12.24
CA SER B 186 33.30 25.55 -13.47
C SER B 186 32.49 25.91 -14.72
N GLY B 187 31.36 26.57 -14.51
CA GLY B 187 30.51 26.99 -15.61
C GLY B 187 30.02 25.85 -16.45
N ILE B 188 30.16 24.63 -15.92
CA ILE B 188 29.76 23.43 -16.63
C ILE B 188 28.29 23.11 -16.38
N THR B 189 27.50 23.07 -17.46
CA THR B 189 26.16 22.51 -17.37
C THR B 189 26.09 21.19 -18.13
N ILE B 190 25.33 20.27 -17.57
CA ILE B 190 25.17 18.95 -18.12
C ILE B 190 23.68 18.73 -18.25
N GLU B 191 23.18 18.81 -19.48
CA GLU B 191 21.74 18.76 -19.72
C GLU B 191 21.09 17.53 -19.10
N GLY B 192 19.98 17.75 -18.40
CA GLY B 192 19.28 16.69 -17.69
C GLY B 192 19.91 16.33 -16.34
N VAL B 193 21.12 16.83 -16.07
CA VAL B 193 21.84 16.54 -14.82
C VAL B 193 21.79 17.69 -13.82
N ASN B 194 22.28 18.87 -14.22
CA ASN B 194 22.00 20.10 -13.49
C ASN B 194 21.05 21.04 -14.26
N THR B 195 20.33 20.48 -15.24
CA THR B 195 19.21 21.17 -15.87
C THR B 195 18.07 20.17 -16.04
N PRO B 196 16.84 20.67 -16.22
CA PRO B 196 15.69 19.75 -16.25
C PRO B 196 15.41 19.15 -17.63
N TYR B 197 14.94 17.90 -17.61
CA TYR B 197 14.53 17.18 -18.81
C TYR B 197 13.06 16.86 -18.69
N LEU B 198 12.35 16.85 -19.82
CA LEU B 198 10.98 16.37 -19.85
C LEU B 198 10.94 15.04 -20.59
N TYR B 199 10.01 14.18 -20.15
CA TYR B 199 9.78 12.87 -20.73
C TYR B 199 8.29 12.70 -21.04
N PHE B 200 7.96 12.66 -22.32
CA PHE B 200 6.59 12.38 -22.74
C PHE B 200 6.44 10.88 -23.03
N GLY B 201 5.68 10.18 -22.21
CA GLY B 201 5.54 8.75 -22.36
C GLY B 201 4.28 8.32 -23.08
N MET B 202 4.26 7.06 -23.53
CA MET B 202 3.02 6.41 -23.96
C MET B 202 3.09 5.00 -23.38
N TRP B 203 2.05 4.19 -23.61
CA TRP B 203 2.01 2.84 -23.05
C TRP B 203 3.27 2.08 -23.45
N LYS B 204 3.88 1.42 -22.48
CA LYS B 204 4.94 0.46 -22.75
C LYS B 204 6.31 1.09 -23.05
N THR B 205 6.43 2.41 -22.98
CA THR B 205 7.76 3.00 -23.11
C THR B 205 8.51 2.72 -21.79
N SER B 206 9.81 2.46 -21.88
CA SER B 206 10.57 1.89 -20.77
C SER B 206 11.73 2.75 -20.36
N PHE B 207 12.13 2.61 -19.10
CA PHE B 207 13.47 2.99 -18.70
C PHE B 207 14.20 1.80 -18.08
N ALA B 208 15.37 1.50 -18.64
CA ALA B 208 16.15 0.32 -18.28
C ALA B 208 16.81 0.47 -16.94
N TRP B 209 17.32 -0.64 -16.43
CA TRP B 209 18.01 -0.67 -15.14
C TRP B 209 19.26 0.21 -15.14
N HIS B 210 19.33 1.16 -14.20
CA HIS B 210 20.52 1.99 -14.10
C HIS B 210 20.58 2.66 -12.74
N THR B 211 21.76 3.14 -12.37
CA THR B 211 21.84 4.23 -11.38
C THR B 211 22.05 5.56 -12.13
N GLU B 212 21.94 6.69 -11.43
CA GLU B 212 22.17 8.01 -12.05
C GLU B 212 23.64 8.20 -12.42
N ASP B 213 23.91 9.11 -13.37
CA ASP B 213 25.29 9.48 -13.64
C ASP B 213 25.98 9.87 -12.32
N MET B 214 27.24 9.48 -12.18
CA MET B 214 28.04 9.76 -10.98
C MET B 214 27.36 9.29 -9.70
N ASP B 215 26.40 8.36 -9.84
CA ASP B 215 25.59 7.85 -8.72
C ASP B 215 24.93 8.94 -7.90
N LEU B 216 24.47 9.98 -8.57
CA LEU B 216 23.74 11.09 -7.94
C LEU B 216 22.34 10.71 -7.52
N TYR B 217 21.67 11.60 -6.79
CA TYR B 217 20.24 11.47 -6.54
C TYR B 217 19.53 11.91 -7.81
N SER B 218 18.29 11.45 -8.01
CA SER B 218 17.45 12.13 -8.98
C SER B 218 16.09 12.48 -8.37
N ILE B 219 15.43 13.47 -8.96
CA ILE B 219 14.06 13.79 -8.58
C ILE B 219 13.21 13.69 -9.84
N ASN B 220 12.00 13.11 -9.71
CA ASN B 220 11.13 12.90 -10.88
C ASN B 220 9.71 13.30 -10.51
N TYR B 221 9.15 14.26 -11.23
CA TYR B 221 7.78 14.69 -10.97
C TYR B 221 6.90 14.35 -12.15
N LEU B 222 5.80 13.62 -11.91
CA LEU B 222 4.86 13.33 -12.98
C LEU B 222 3.82 14.47 -13.13
N HIS B 223 4.06 15.37 -14.08
CA HIS B 223 3.16 16.52 -14.29
C HIS B 223 1.69 16.14 -14.51
N PHE B 224 1.42 15.25 -15.45
CA PHE B 224 0.06 14.85 -15.76
C PHE B 224 0.07 13.54 -16.52
N GLY B 225 -1.12 12.95 -16.68
CA GLY B 225 -1.30 11.78 -17.52
C GLY B 225 -1.39 10.48 -16.75
N GLU B 226 -1.20 9.36 -17.45
CA GLU B 226 -1.29 8.04 -16.87
C GLU B 226 -0.04 7.72 -16.02
N PRO B 227 -0.11 6.68 -15.17
CA PRO B 227 0.98 6.47 -14.22
C PRO B 227 2.32 6.00 -14.82
N LYS B 228 3.34 6.03 -13.97
CA LYS B 228 4.66 5.50 -14.29
C LYS B 228 4.99 4.50 -13.18
N SER B 229 5.29 3.25 -13.54
CA SER B 229 5.62 2.24 -12.54
C SER B 229 7.13 2.05 -12.47
N TRP B 230 7.61 1.74 -11.26
CA TRP B 230 9.02 1.74 -10.95
C TRP B 230 9.41 0.42 -10.29
N TYR B 231 10.64 -0.02 -10.52
CA TYR B 231 11.26 -1.11 -9.75
C TYR B 231 12.52 -0.54 -9.13
N SER B 232 12.91 -1.03 -7.95
CA SER B 232 14.10 -0.50 -7.30
C SER B 232 14.86 -1.57 -6.55
N VAL B 233 16.19 -1.47 -6.57
CA VAL B 233 17.03 -2.40 -5.82
C VAL B 233 17.77 -1.61 -4.74
N PRO B 234 17.65 -2.03 -3.48
CA PRO B 234 18.30 -1.28 -2.40
C PRO B 234 19.75 -1.06 -2.74
N PRO B 235 20.28 0.15 -2.52
CA PRO B 235 21.70 0.34 -2.77
C PRO B 235 22.59 -0.68 -2.06
N GLU B 236 22.19 -1.17 -0.89
CA GLU B 236 23.02 -2.15 -0.19
C GLU B 236 23.10 -3.48 -0.92
N HIS B 237 22.28 -3.66 -1.96
CA HIS B 237 22.32 -4.90 -2.76
C HIS B 237 22.55 -4.66 -4.24
N GLY B 238 22.95 -3.44 -4.59
CA GLY B 238 23.25 -3.09 -5.95
C GLY B 238 24.31 -3.94 -6.61
N LYS B 239 25.36 -4.28 -5.88
CA LYS B 239 26.42 -5.13 -6.42
C LYS B 239 25.87 -6.45 -6.92
N ARG B 240 24.89 -7.00 -6.22
CA ARG B 240 24.27 -8.26 -6.62
C ARG B 240 23.61 -8.17 -7.99
N LEU B 241 22.87 -7.08 -8.21
CA LEU B 241 22.26 -6.87 -9.52
C LEU B 241 23.33 -6.79 -10.60
N GLU B 242 24.41 -6.07 -10.31
CA GLU B 242 25.49 -5.95 -11.30
C GLU B 242 26.12 -7.29 -11.65
N ARG B 243 26.39 -8.12 -10.65
CA ARG B 243 26.92 -9.47 -10.92
C ARG B 243 25.96 -10.30 -11.73
N LEU B 244 24.67 -10.19 -11.41
CA LEU B 244 23.65 -10.87 -12.18
C LEU B 244 23.69 -10.42 -13.64
N ALA B 245 23.71 -9.11 -13.85
CA ALA B 245 23.69 -8.58 -15.20
C ALA B 245 24.95 -9.00 -15.95
N LYS B 246 26.09 -8.94 -15.28
CA LYS B 246 27.36 -9.33 -15.87
C LYS B 246 27.30 -10.79 -16.34
N GLY B 247 26.71 -11.65 -15.50
CA GLY B 247 26.55 -13.05 -15.86
C GLY B 247 25.71 -13.24 -17.11
N PHE B 248 24.60 -12.51 -17.21
CA PHE B 248 23.70 -12.63 -18.36
C PHE B 248 24.19 -11.93 -19.62
N PHE B 249 25.03 -10.92 -19.48
CA PHE B 249 25.51 -10.18 -20.64
C PHE B 249 27.02 -10.06 -20.61
N PRO B 250 27.74 -11.20 -20.64
CA PRO B 250 29.19 -11.21 -20.46
C PRO B 250 29.92 -10.47 -21.58
N GLY B 251 29.34 -10.48 -22.77
CA GLY B 251 29.91 -9.73 -23.89
C GLY B 251 29.87 -8.23 -23.64
N SER B 252 28.73 -7.75 -23.15
CA SER B 252 28.60 -6.33 -22.82
C SER B 252 29.55 -5.97 -21.69
N ALA B 253 29.62 -6.83 -20.67
CA ALA B 253 30.51 -6.60 -19.53
C ALA B 253 31.97 -6.52 -19.96
N GLN B 254 32.39 -7.42 -20.85
CA GLN B 254 33.74 -7.40 -21.39
C GLN B 254 34.06 -6.06 -22.03
N SER B 255 33.08 -5.48 -22.71
CA SER B 255 33.34 -4.27 -23.50
C SER B 255 33.29 -3.00 -22.68
N CYS B 256 32.61 -3.03 -21.55
CA CYS B 256 32.50 -1.84 -20.73
C CYS B 256 32.38 -2.21 -19.26
N GLU B 257 33.16 -1.51 -18.45
CA GLU B 257 33.17 -1.68 -17.00
C GLU B 257 31.83 -1.37 -16.33
N ALA B 258 30.97 -0.61 -17.01
CA ALA B 258 29.72 -0.18 -16.43
C ALA B 258 28.61 -0.17 -17.49
N PHE B 259 28.40 -1.28 -18.17
CA PHE B 259 27.54 -1.27 -19.34
C PHE B 259 26.07 -0.93 -19.02
N LEU B 260 25.66 -1.14 -17.76
CA LEU B 260 24.28 -0.81 -17.37
C LEU B 260 24.02 0.68 -17.53
N ARG B 261 25.08 1.47 -17.48
CA ARG B 261 24.94 2.90 -17.70
C ARG B 261 24.53 3.22 -19.14
N HIS B 262 24.67 2.26 -20.05
CA HIS B 262 24.14 2.49 -21.39
C HIS B 262 22.62 2.58 -21.37
N LYS B 263 22.03 2.14 -20.25
CA LYS B 263 20.57 2.17 -20.11
C LYS B 263 19.87 1.40 -21.22
N MET B 264 20.38 0.21 -21.53
CA MET B 264 19.74 -0.60 -22.58
C MET B 264 19.25 -1.95 -22.04
N THR B 265 19.51 -2.20 -20.77
CA THR B 265 19.32 -3.54 -20.22
C THR B 265 18.04 -3.65 -19.40
N LEU B 266 17.12 -4.50 -19.85
CA LEU B 266 15.85 -4.70 -19.14
C LEU B 266 15.82 -6.10 -18.53
N ILE B 267 15.41 -6.21 -17.27
CA ILE B 267 15.39 -7.49 -16.57
C ILE B 267 14.11 -7.57 -15.79
N SER B 268 13.34 -8.64 -16.00
CA SER B 268 12.03 -8.74 -15.39
C SER B 268 12.10 -9.05 -13.88
N PRO B 269 11.06 -8.64 -13.14
CA PRO B 269 10.98 -9.02 -11.73
C PRO B 269 10.98 -10.53 -11.51
N LEU B 270 10.51 -11.31 -12.46
CA LEU B 270 10.55 -12.75 -12.24
C LEU B 270 11.99 -13.24 -12.19
N MET B 271 12.84 -12.67 -13.04
CA MET B 271 14.26 -12.99 -13.02
C MET B 271 14.95 -12.50 -11.73
N LEU B 272 14.68 -11.25 -11.33
CA LEU B 272 15.23 -10.77 -10.05
C LEU B 272 14.91 -11.74 -8.94
N LYS B 273 13.64 -12.13 -8.88
CA LYS B 273 13.16 -13.00 -7.83
C LYS B 273 13.84 -14.40 -7.90
N LYS B 274 13.93 -14.93 -9.11
CA LYS B 274 14.56 -16.24 -9.34
C LYS B 274 16.01 -16.29 -8.87
N TYR B 275 16.73 -15.19 -9.03
CA TYR B 275 18.15 -15.16 -8.71
C TYR B 275 18.40 -14.52 -7.35
N GLY B 276 17.33 -14.24 -6.62
CA GLY B 276 17.44 -13.74 -5.26
C GLY B 276 17.93 -12.31 -5.10
N ILE B 277 17.63 -11.44 -6.08
CA ILE B 277 17.95 -10.02 -5.95
C ILE B 277 16.79 -9.33 -5.25
N PRO B 278 17.04 -8.71 -4.10
CA PRO B 278 15.96 -8.00 -3.42
C PRO B 278 15.51 -6.81 -4.24
N PHE B 279 14.21 -6.57 -4.32
CA PHE B 279 13.74 -5.39 -5.05
C PHE B 279 12.37 -5.04 -4.55
N ASP B 280 11.91 -3.84 -4.85
CA ASP B 280 10.53 -3.45 -4.52
C ASP B 280 9.93 -2.77 -5.74
N LYS B 281 8.62 -2.60 -5.75
CA LYS B 281 7.99 -1.90 -6.86
C LYS B 281 7.02 -0.88 -6.35
N VAL B 282 6.74 0.13 -7.16
CA VAL B 282 5.81 1.18 -6.77
C VAL B 282 5.34 1.88 -8.02
N THR B 283 4.11 2.39 -7.97
CA THR B 283 3.54 3.11 -9.10
C THR B 283 3.35 4.56 -8.71
N GLN B 284 3.82 5.45 -9.57
CA GLN B 284 3.79 6.88 -9.33
C GLN B 284 2.60 7.43 -10.10
N GLU B 285 1.75 8.21 -9.45
CA GLU B 285 0.62 8.85 -10.11
C GLU B 285 0.90 10.32 -10.39
N ALA B 286 0.11 10.92 -11.29
CA ALA B 286 0.25 12.34 -11.58
C ALA B 286 0.20 13.17 -10.31
N GLY B 287 1.10 14.15 -10.22
CA GLY B 287 1.16 15.03 -9.07
C GLY B 287 2.07 14.52 -7.98
N GLU B 288 2.73 13.38 -8.22
CA GLU B 288 3.61 12.77 -7.21
C GLU B 288 5.06 12.84 -7.63
N PHE B 289 5.94 12.98 -6.63
CA PHE B 289 7.37 12.96 -6.87
C PHE B 289 7.95 11.59 -6.55
N MET B 290 8.93 11.16 -7.34
CA MET B 290 9.80 10.07 -6.92
C MET B 290 11.23 10.62 -6.76
N ILE B 291 11.89 10.16 -5.71
CA ILE B 291 13.28 10.49 -5.43
C ILE B 291 14.06 9.18 -5.56
N THR B 292 15.13 9.15 -6.33
CA THR B 292 16.04 8.02 -6.31
C THR B 292 17.32 8.43 -5.60
N PHE B 293 17.96 7.48 -4.95
CA PHE B 293 19.10 7.76 -4.08
C PHE B 293 20.40 7.23 -4.67
N PRO B 294 21.53 7.77 -4.20
CA PRO B 294 22.79 7.35 -4.79
C PRO B 294 22.94 5.84 -4.82
N TYR B 295 23.29 5.35 -6.00
CA TYR B 295 23.54 3.94 -6.23
C TYR B 295 22.28 3.08 -6.09
N GLY B 296 21.12 3.73 -6.23
CA GLY B 296 19.86 3.00 -6.25
C GLY B 296 19.51 2.62 -7.67
N TYR B 297 19.63 1.33 -8.00
CA TYR B 297 19.24 0.87 -9.34
C TYR B 297 17.73 0.93 -9.48
N HIS B 298 17.28 1.47 -10.61
CA HIS B 298 15.85 1.50 -10.89
C HIS B 298 15.56 1.29 -12.38
N ALA B 299 14.32 0.92 -12.65
CA ALA B 299 13.84 0.67 -14.01
C ALA B 299 12.33 0.77 -13.93
N GLY B 300 11.69 0.90 -15.08
CA GLY B 300 10.23 0.94 -15.05
C GLY B 300 9.61 1.17 -16.41
N PHE B 301 8.35 1.56 -16.39
CA PHE B 301 7.61 1.76 -17.64
C PHE B 301 6.42 2.69 -17.42
N ASN B 302 6.00 3.33 -18.50
CA ASN B 302 4.83 4.21 -18.49
C ASN B 302 3.56 3.46 -18.85
N HIS B 303 2.46 3.82 -18.17
CA HIS B 303 1.18 3.17 -18.40
C HIS B 303 0.47 3.70 -19.63
N GLY B 304 0.74 4.95 -19.98
CA GLY B 304 0.02 5.58 -21.07
C GLY B 304 0.55 6.98 -21.22
N PHE B 305 -0.17 7.80 -21.97
CA PHE B 305 0.30 9.14 -22.25
C PHE B 305 0.51 9.89 -20.94
N ASN B 306 1.71 10.42 -20.75
CA ASN B 306 2.00 11.21 -19.55
C ASN B 306 3.21 12.07 -19.80
N CYS B 307 3.56 12.88 -18.81
CA CYS B 307 4.70 13.76 -18.93
C CYS B 307 5.35 13.91 -17.57
N ALA B 308 6.65 13.64 -17.52
CA ALA B 308 7.41 13.75 -16.28
C ALA B 308 8.58 14.71 -16.47
N GLU B 309 8.99 15.35 -15.39
CA GLU B 309 10.14 16.24 -15.43
C GLU B 309 11.16 15.72 -14.42
N SER B 310 12.44 15.72 -14.78
CA SER B 310 13.44 15.30 -13.82
C SER B 310 14.81 15.96 -13.99
N THR B 311 15.64 15.77 -12.98
CA THR B 311 17.00 16.28 -12.99
C THR B 311 17.71 15.57 -11.86
N ASN B 312 19.02 15.79 -11.73
CA ASN B 312 19.76 15.22 -10.63
C ASN B 312 20.01 16.25 -9.53
N PHE B 313 20.42 15.78 -8.36
CA PHE B 313 20.80 16.67 -7.28
C PHE B 313 21.70 15.91 -6.33
N ALA B 314 22.29 16.62 -5.37
CA ALA B 314 23.23 15.98 -4.46
C ALA B 314 22.95 16.39 -3.02
N THR B 315 23.48 15.63 -2.08
CA THR B 315 23.61 16.04 -0.69
C THR B 315 25.05 15.78 -0.32
N ARG B 316 25.43 16.10 0.92
CA ARG B 316 26.78 15.83 1.39
CA ARG B 316 26.77 15.83 1.41
C ARG B 316 27.11 14.34 1.32
N ARG B 317 26.12 13.50 1.60
CA ARG B 317 26.31 12.05 1.55
C ARG B 317 26.75 11.58 0.15
N TRP B 318 26.25 12.24 -0.89
CA TRP B 318 26.58 11.83 -2.26
C TRP B 318 28.07 11.92 -2.58
N ILE B 319 28.78 12.82 -1.91
CA ILE B 319 30.14 13.11 -2.32
C ILE B 319 31.00 11.85 -2.39
N GLU B 320 30.89 10.99 -1.39
CA GLU B 320 31.68 9.77 -1.39
C GLU B 320 31.23 8.84 -2.53
N TYR B 321 29.95 8.84 -2.82
CA TYR B 321 29.46 8.03 -3.95
C TYR B 321 30.05 8.53 -5.26
N GLY B 322 30.12 9.85 -5.41
CA GLY B 322 30.67 10.47 -6.61
C GLY B 322 32.12 10.06 -6.81
N LYS B 323 32.86 10.09 -5.72
CA LYS B 323 34.26 9.69 -5.71
C LYS B 323 34.48 8.23 -6.12
N GLN B 324 33.54 7.36 -5.78
CA GLN B 324 33.75 5.93 -6.05
C GLN B 324 32.94 5.36 -7.22
N ALA B 325 32.18 6.20 -7.92
CA ALA B 325 31.26 5.69 -8.95
C ALA B 325 32.08 5.05 -10.06
N VAL B 326 31.62 3.90 -10.54
CA VAL B 326 32.32 3.22 -11.64
C VAL B 326 31.67 3.68 -12.95
N LEU B 327 32.47 4.31 -13.80
CA LEU B 327 31.93 5.01 -14.97
C LEU B 327 32.04 4.20 -16.26
N CYS B 328 31.23 4.57 -17.23
CA CYS B 328 31.28 3.95 -18.54
C CYS B 328 32.64 4.27 -19.16
N SER B 329 33.30 3.23 -19.68
CA SER B 329 34.64 3.37 -20.22
C SER B 329 34.68 3.29 -21.75
N CYS B 330 33.52 3.21 -22.41
CA CYS B 330 33.52 2.85 -23.81
C CYS B 330 32.94 3.91 -24.76
N ARG B 331 32.27 4.91 -24.20
CA ARG B 331 31.60 5.90 -25.03
C ARG B 331 32.19 7.29 -24.85
N LYS B 332 32.14 8.08 -25.91
CA LYS B 332 32.59 9.47 -25.87
C LYS B 332 31.47 10.37 -25.36
N ASP B 333 31.85 11.39 -24.59
CA ASP B 333 30.90 12.38 -24.10
C ASP B 333 29.96 11.84 -23.01
N MET B 334 30.38 10.76 -22.35
CA MET B 334 29.65 10.28 -21.18
C MET B 334 29.82 11.28 -20.05
N VAL B 335 28.83 11.36 -19.18
CA VAL B 335 28.89 12.31 -18.08
C VAL B 335 29.97 11.91 -17.07
N LYS B 336 30.90 12.83 -16.86
CA LYS B 336 31.93 12.66 -15.86
C LYS B 336 32.12 14.00 -15.14
N ILE B 337 31.80 14.02 -13.86
CA ILE B 337 31.90 15.22 -13.05
C ILE B 337 33.20 15.16 -12.26
N SER B 338 34.01 16.20 -12.35
CA SER B 338 35.23 16.27 -11.55
C SER B 338 34.85 16.44 -10.09
N MET B 339 35.26 15.50 -9.24
CA MET B 339 34.92 15.55 -7.82
C MET B 339 35.79 16.52 -7.04
N ASP B 340 36.79 17.08 -7.70
CA ASP B 340 37.81 17.87 -7.02
C ASP B 340 37.20 18.96 -6.13
N VAL B 341 36.36 19.80 -6.70
CA VAL B 341 35.77 20.90 -5.94
C VAL B 341 35.01 20.43 -4.68
N PHE B 342 34.32 19.28 -4.78
CA PHE B 342 33.56 18.75 -3.65
C PHE B 342 34.44 18.26 -2.51
N VAL B 343 35.52 17.57 -2.86
CA VAL B 343 36.44 17.07 -1.86
C VAL B 343 37.17 18.25 -1.19
N ARG B 344 37.69 19.17 -1.99
CA ARG B 344 38.35 20.38 -1.48
C ARG B 344 37.47 21.09 -0.45
N LYS B 345 36.21 21.30 -0.80
CA LYS B 345 35.29 22.07 0.02
C LYS B 345 34.70 21.32 1.22
N PHE B 346 34.21 20.10 0.98
CA PHE B 346 33.52 19.36 2.05
C PHE B 346 34.36 18.31 2.76
N GLN B 347 35.48 17.92 2.17
CA GLN B 347 36.39 16.98 2.83
C GLN B 347 37.83 17.48 2.82
N PRO B 348 38.08 18.69 3.33
CA PRO B 348 39.42 19.25 3.22
C PRO B 348 40.48 18.38 3.88
N GLU B 349 40.10 17.71 4.96
CA GLU B 349 41.07 16.91 5.69
C GLU B 349 41.43 15.61 4.96
N ARG B 350 40.62 15.24 3.95
CA ARG B 350 40.90 14.04 3.15
CA ARG B 350 40.91 14.04 3.16
C ARG B 350 41.46 14.38 1.78
N TYR B 351 41.48 15.66 1.43
CA TYR B 351 41.83 16.04 0.06
C TYR B 351 43.23 15.61 -0.38
N LYS B 352 44.23 15.87 0.45
CA LYS B 352 45.57 15.48 0.05
C LYS B 352 45.64 13.97 -0.18
N LEU B 353 45.09 13.21 0.77
CA LEU B 353 45.03 11.76 0.65
C LEU B 353 44.35 11.33 -0.65
N TRP B 354 43.15 11.83 -0.86
CA TRP B 354 42.36 11.48 -2.04
C TRP B 354 43.15 11.73 -3.32
N LYS B 355 43.76 12.90 -3.43
CA LYS B 355 44.55 13.24 -4.60
C LYS B 355 45.71 12.27 -4.83
N ALA B 356 46.24 11.74 -3.73
CA ALA B 356 47.33 10.78 -3.83
C ALA B 356 46.80 9.40 -4.18
N GLY B 357 45.48 9.25 -4.21
CA GLY B 357 44.86 7.97 -4.50
C GLY B 357 44.86 7.01 -3.31
N LYS B 358 45.06 7.54 -2.12
CA LYS B 358 45.15 6.71 -0.92
C LYS B 358 43.93 6.82 0.01
N ASP B 359 42.85 7.43 -0.47
CA ASP B 359 41.63 7.53 0.32
C ASP B 359 40.81 6.23 0.19
N ASN B 360 40.76 5.44 1.26
CA ASN B 360 40.12 4.13 1.21
C ASN B 360 38.79 4.05 1.97
N THR B 361 38.09 5.16 2.03
CA THR B 361 36.77 5.21 2.64
C THR B 361 35.86 4.14 2.04
N VAL B 362 35.23 3.36 2.92
CA VAL B 362 34.20 2.40 2.52
C VAL B 362 32.83 2.99 2.79
N ILE B 363 31.97 3.01 1.77
CA ILE B 363 30.62 3.52 1.94
C ILE B 363 29.71 2.55 2.70
N ASP B 364 28.97 3.06 3.67
CA ASP B 364 27.92 2.34 4.37
C ASP B 364 26.57 2.87 3.90
N HIS B 365 25.90 2.07 3.07
CA HIS B 365 24.67 2.48 2.38
C HIS B 365 23.49 2.72 3.31
N THR B 366 23.59 2.26 4.55
CA THR B 366 22.49 2.43 5.51
C THR B 366 22.51 3.81 6.18
N LEU B 367 23.69 4.43 6.24
CA LEU B 367 23.83 5.72 6.93
C LEU B 367 23.08 6.87 6.22
N PRO B 368 22.27 7.62 6.98
CA PRO B 368 21.65 8.82 6.41
C PRO B 368 22.68 9.94 6.22
N THR B 369 22.34 10.92 5.39
CA THR B 369 23.28 12.02 5.12
C THR B 369 23.46 12.81 6.41
N PRO B 370 24.65 13.42 6.62
CA PRO B 370 24.94 14.12 7.88
C PRO B 370 23.91 15.20 8.22
N GLU B 371 23.32 15.83 7.20
CA GLU B 371 22.34 16.89 7.42
C GLU B 371 21.10 16.40 8.17
N ALA B 372 20.96 15.07 8.29
CA ALA B 372 19.83 14.47 8.98
C ALA B 372 20.03 14.42 10.49
N ALA B 373 21.16 14.94 10.97
CA ALA B 373 21.50 14.86 12.39
C ALA B 373 20.41 15.48 13.27
N GLU B 374 19.89 16.63 12.87
CA GLU B 374 18.92 17.37 13.67
C GLU B 374 17.60 16.62 13.86
N PHE B 375 17.35 15.62 13.02
CA PHE B 375 16.14 14.82 13.14
C PHE B 375 16.41 13.55 13.93
N LEU B 376 17.67 13.29 14.23
CA LEU B 376 18.07 12.05 14.89
C LEU B 376 18.41 12.27 16.36
#